data_4W9Y
#
_entry.id   4W9Y
#
_cell.length_a   101.189
_cell.length_b   130.425
_cell.length_c   158.452
_cell.angle_alpha   90.00
_cell.angle_beta   90.00
_cell.angle_gamma   90.00
#
_symmetry.space_group_name_H-M   'I 2 2 2'
#
loop_
_entity.id
_entity.type
_entity.pdbx_description
1 polymer 'Glutamate carboxypeptidase 2'
2 branched 2-acetamido-2-deoxy-beta-D-glucopyranose-(1-4)-2-acetamido-2-deoxy-beta-D-glucopyranose
3 branched alpha-D-mannopyranose-(1-3)-beta-D-mannopyranose-(1-4)-2-acetamido-2-deoxy-beta-D-glucopyranose-(1-4)-2-acetamido-2-deoxy-beta-D-glucopyranose
4 non-polymer 2-acetamido-2-deoxy-beta-D-glucopyranose
5 non-polymer 'ZINC ION'
6 non-polymer 'CALCIUM ION'
7 non-polymer 'CHLORIDE ION'
8 non-polymer 'N-sulfamoyl-L-glutamic acid'
9 water water
#
_entity_poly.entity_id   1
_entity_poly.type   'polypeptide(L)'
_entity_poly.pdbx_seq_one_letter_code
;KSSNEATNITPKHNMKAFLDELKAENIKKFLYNFTQIPHLAGTEQNFQLAKQIQSQWKEFGLDSVELAHYDVLLSYPNKT
HPNYISIINEDGNEIFNTSLFEPPPPGYENVSDIVPPFSAFSPQGMPEGDLVYVNYARTEDFFKLERDMKINCSGKIVIA
RYGKVFRGNKVKNAQLAGAKGVILYSDPADYFAPGVKSYPDGWNLPGGGVQRGNILNLNGAGDPLTPGYPANEYAYRRGI
AEAVGLPSIPVHPIGYYDAQKLLEKMGGSAPPDSSWRGSLKVPYNVGPGFTGNFSTQKVKMHIHSTNEVTRIYNVIGTLR
GAVEPDRYVILGGHRDSWVFGGIDPQSGAAVVHEIVRSFGTLKKEGWRPRRTILFASWDAEEFGLLGSTEWAEENSRLLQ
ERGVAYINADSSIEGNYTLRVDCTPLMYSLVHNLTKELKSPDEGFEGKSLYESWTKKSPSPEFSGMPRISKLGSGNDFEV
FFQRLGIASGRARYTKNWETNKFSGYPLYHSVYETYELVEKFYDPMFKYHLTVAQVRGGMVFELANSIVLPFDCRDYAVV
LRKYADKIYSISMKHPQEMKTYSVSFDSLFSAVKNFTEIASKFSERLQDFDKSNPIVLRMMNDQLMFLERAFIDPLGLPD
RPFYRHVIYAPSSHNKYAGESFPGIYDALFDIESKVDPSKAWGEVKRQIYVAAFTVQAAAETLSEVA
;
_entity_poly.pdbx_strand_id   A
#
loop_
_chem_comp.id
_chem_comp.type
_chem_comp.name
_chem_comp.formula
3K0 non-polymer 'N-sulfamoyl-L-glutamic acid' 'C5 H10 N2 O6 S'
BMA D-saccharide, beta linking beta-D-mannopyranose 'C6 H12 O6'
CA non-polymer 'CALCIUM ION' 'Ca 2'
CL non-polymer 'CHLORIDE ION' 'Cl -1'
MAN D-saccharide, alpha linking alpha-D-mannopyranose 'C6 H12 O6'
NAG D-saccharide, beta linking 2-acetamido-2-deoxy-beta-D-glucopyranose 'C8 H15 N O6'
ZN non-polymer 'ZINC ION' 'Zn 2'
#
# COMPACT_ATOMS: atom_id res chain seq x y z
N LYS A 12 -8.79 29.89 -21.63
CA LYS A 12 -7.76 28.86 -21.97
C LYS A 12 -7.99 27.50 -21.32
N HIS A 13 -7.44 26.47 -21.95
CA HIS A 13 -7.44 25.11 -21.42
C HIS A 13 -6.02 24.83 -20.93
N ASN A 14 -5.78 25.03 -19.64
CA ASN A 14 -4.45 24.83 -19.05
C ASN A 14 -4.66 24.20 -17.68
N MET A 15 -3.59 24.05 -16.90
CA MET A 15 -3.80 23.34 -15.62
C MET A 15 -4.74 24.12 -14.70
N LYS A 16 -4.63 25.44 -14.70
CA LYS A 16 -5.49 26.23 -13.85
C LYS A 16 -6.97 26.02 -14.17
N ALA A 17 -7.32 25.89 -15.45
CA ALA A 17 -8.71 25.61 -15.85
C ALA A 17 -9.16 24.27 -15.28
N PHE A 18 -8.33 23.24 -15.48
CA PHE A 18 -8.57 21.94 -14.89
C PHE A 18 -8.80 22.02 -13.36
N LEU A 19 -7.86 22.62 -12.64
CA LEU A 19 -7.94 22.69 -11.20
C LEU A 19 -9.16 23.48 -10.68
N ASP A 20 -9.49 24.58 -11.36
CA ASP A 20 -10.62 25.45 -10.94
C ASP A 20 -11.96 24.75 -11.10
N GLU A 21 -12.04 23.78 -12.00
CA GLU A 21 -13.27 23.07 -12.26
C GLU A 21 -13.61 22.07 -11.14
N LEU A 22 -12.57 21.56 -10.45
CA LEU A 22 -12.76 20.68 -9.28
C LEU A 22 -13.54 21.36 -8.16
N LYS A 23 -14.57 20.69 -7.63
CA LYS A 23 -15.39 21.29 -6.57
C LYS A 23 -15.50 20.39 -5.34
N ALA A 24 -15.25 20.97 -4.17
CA ALA A 24 -15.43 20.26 -2.90
C ALA A 24 -16.84 19.67 -2.77
N GLU A 25 -17.85 20.43 -3.19
CA GLU A 25 -19.26 20.01 -3.03
C GLU A 25 -19.55 18.75 -3.87
N ASN A 26 -18.91 18.64 -5.04
CA ASN A 26 -19.11 17.45 -5.86
C ASN A 26 -18.47 16.24 -5.23
N ILE A 27 -17.29 16.42 -4.65
CA ILE A 27 -16.58 15.32 -4.00
C ILE A 27 -17.45 14.80 -2.83
N LYS A 28 -18.06 15.74 -2.10
CA LYS A 28 -18.97 15.41 -0.99
C LYS A 28 -20.16 14.57 -1.50
N LYS A 29 -20.80 15.05 -2.57
CA LYS A 29 -21.93 14.34 -3.16
C LYS A 29 -21.56 12.92 -3.59
N PHE A 30 -20.40 12.79 -4.23
CA PHE A 30 -19.93 11.50 -4.66
C PHE A 30 -19.62 10.58 -3.47
N LEU A 31 -18.94 11.10 -2.44
CA LEU A 31 -18.62 10.29 -1.27
C LEU A 31 -19.92 9.76 -0.65
N TYR A 32 -20.91 10.64 -0.50
CA TYR A 32 -22.18 10.19 0.07
C TYR A 32 -22.78 9.07 -0.80
N ASN A 33 -22.74 9.27 -2.12
CA ASN A 33 -23.30 8.30 -3.04
C ASN A 33 -22.63 6.92 -3.00
N PHE A 34 -21.32 6.92 -2.69
CA PHE A 34 -20.50 5.70 -2.73
C PHE A 34 -20.49 4.91 -1.40
N THR A 35 -21.12 5.45 -0.34
CA THR A 35 -20.92 4.88 0.98
C THR A 35 -22.22 4.52 1.71
N GLN A 36 -23.32 4.42 0.98
CA GLN A 36 -24.63 4.13 1.61
C GLN A 36 -24.84 2.64 1.91
N ILE A 37 -24.19 1.78 1.12
CA ILE A 37 -24.29 0.33 1.28
C ILE A 37 -22.89 -0.26 1.17
N PRO A 38 -22.69 -1.50 1.66
CA PRO A 38 -21.33 -2.10 1.55
C PRO A 38 -21.02 -2.42 0.11
N HIS A 39 -19.74 -2.32 -0.25
CA HIS A 39 -19.27 -2.71 -1.60
C HIS A 39 -18.12 -3.71 -1.51
N LEU A 40 -18.39 -4.84 -0.85
CA LEU A 40 -17.39 -5.89 -0.68
C LEU A 40 -17.04 -6.51 -2.01
N ALA A 41 -15.74 -6.73 -2.27
CA ALA A 41 -15.35 -7.36 -3.55
C ALA A 41 -16.11 -8.67 -3.77
N GLY A 42 -16.55 -8.86 -5.01
CA GLY A 42 -17.18 -10.11 -5.42
C GLY A 42 -18.67 -10.14 -5.14
N THR A 43 -19.20 -9.07 -4.52
CA THR A 43 -20.65 -9.00 -4.21
C THR A 43 -21.44 -8.28 -5.30
N GLU A 44 -22.75 -8.54 -5.35
CA GLU A 44 -23.59 -7.90 -6.37
C GLU A 44 -23.57 -6.36 -6.23
N GLN A 45 -23.56 -5.87 -4.97
CA GLN A 45 -23.54 -4.41 -4.74
C GLN A 45 -22.31 -3.73 -5.37
N ASN A 46 -21.17 -4.40 -5.31
CA ASN A 46 -19.94 -3.82 -5.87
C ASN A 46 -19.93 -3.90 -7.42
N PHE A 47 -20.59 -4.92 -7.99
CA PHE A 47 -20.79 -4.98 -9.44
C PHE A 47 -21.72 -3.84 -9.85
N GLN A 48 -22.81 -3.62 -9.10
N GLN A 48 -22.79 -3.63 -9.09
CA GLN A 48 -23.69 -2.51 -9.46
CA GLN A 48 -23.73 -2.54 -9.36
C GLN A 48 -22.99 -1.14 -9.41
C GLN A 48 -23.05 -1.15 -9.35
N LEU A 49 -22.15 -0.95 -8.39
CA LEU A 49 -21.39 0.31 -8.33
C LEU A 49 -20.43 0.41 -9.52
N ALA A 50 -19.75 -0.70 -9.86
CA ALA A 50 -18.92 -0.67 -11.07
C ALA A 50 -19.70 -0.20 -12.31
N LYS A 51 -20.90 -0.73 -12.50
CA LYS A 51 -21.71 -0.34 -13.67
C LYS A 51 -22.09 1.15 -13.61
N GLN A 52 -22.36 1.64 -12.41
CA GLN A 52 -22.71 3.08 -12.23
C GLN A 52 -21.53 3.95 -12.63
N ILE A 53 -20.34 3.60 -12.13
CA ILE A 53 -19.13 4.36 -12.43
C ILE A 53 -18.85 4.32 -13.92
N GLN A 54 -18.97 3.15 -14.52
CA GLN A 54 -18.79 3.06 -15.95
C GLN A 54 -19.74 4.03 -16.66
N SER A 55 -21.02 4.02 -16.30
CA SER A 55 -22.00 4.88 -17.01
C SER A 55 -21.67 6.35 -16.81
N GLN A 56 -21.32 6.72 -15.57
CA GLN A 56 -21.00 8.13 -15.30
C GLN A 56 -19.72 8.62 -15.99
N TRP A 57 -18.68 7.77 -16.01
CA TRP A 57 -17.47 8.18 -16.71
C TRP A 57 -17.72 8.40 -18.19
N LYS A 58 -18.62 7.61 -18.77
CA LYS A 58 -19.05 7.84 -20.19
C LYS A 58 -19.76 9.19 -20.32
N GLU A 59 -20.73 9.47 -19.44
N GLU A 59 -20.75 9.41 -19.43
CA GLU A 59 -21.45 10.73 -19.49
CA GLU A 59 -21.48 10.67 -19.30
C GLU A 59 -20.53 11.92 -19.19
C GLU A 59 -20.50 11.84 -19.24
N PHE A 60 -19.49 11.69 -18.39
CA PHE A 60 -18.52 12.76 -18.08
C PHE A 60 -17.64 13.11 -19.29
N GLY A 61 -17.56 12.20 -20.28
CA GLY A 61 -16.91 12.55 -21.55
C GLY A 61 -15.78 11.64 -21.97
N LEU A 62 -15.42 10.60 -21.19
CA LEU A 62 -14.31 9.73 -21.63
C LEU A 62 -14.59 9.06 -22.98
N ASP A 63 -13.54 8.76 -23.74
CA ASP A 63 -13.69 8.15 -25.07
C ASP A 63 -14.21 6.72 -25.03
N SER A 64 -13.75 5.93 -24.07
CA SER A 64 -14.18 4.55 -23.93
C SER A 64 -14.15 4.24 -22.44
N VAL A 65 -15.11 3.44 -21.99
CA VAL A 65 -15.08 3.04 -20.60
C VAL A 65 -15.59 1.60 -20.57
N GLU A 66 -14.70 0.69 -20.17
CA GLU A 66 -15.03 -0.74 -20.18
C GLU A 66 -14.88 -1.39 -18.81
N LEU A 67 -15.61 -2.48 -18.57
CA LEU A 67 -15.31 -3.30 -17.40
C LEU A 67 -14.30 -4.39 -17.81
N ALA A 68 -13.30 -4.62 -16.97
CA ALA A 68 -12.37 -5.72 -17.22
C ALA A 68 -12.58 -6.66 -16.02
N HIS A 69 -13.07 -7.87 -16.27
CA HIS A 69 -13.39 -8.80 -15.19
C HIS A 69 -12.37 -9.95 -15.14
N TYR A 70 -12.21 -10.51 -13.95
CA TYR A 70 -11.30 -11.65 -13.70
C TYR A 70 -11.99 -12.52 -12.68
N ASP A 71 -11.60 -13.78 -12.65
CA ASP A 71 -12.16 -14.73 -11.65
C ASP A 71 -11.04 -15.15 -10.75
N VAL A 72 -11.06 -14.57 -9.54
CA VAL A 72 -9.89 -14.70 -8.61
C VAL A 72 -10.31 -15.35 -7.30
N LEU A 73 -9.31 -15.80 -6.56
CA LEU A 73 -9.60 -16.41 -5.24
C LEU A 73 -9.95 -15.31 -4.22
N LEU A 74 -11.17 -15.38 -3.66
CA LEU A 74 -11.56 -14.47 -2.57
C LEU A 74 -11.87 -15.34 -1.35
N SER A 75 -12.24 -14.70 -0.24
CA SER A 75 -12.45 -15.42 1.05
C SER A 75 -13.59 -14.77 1.80
N TYR A 76 -14.52 -15.58 2.33
CA TYR A 76 -15.66 -15.04 3.05
C TYR A 76 -16.01 -15.90 4.26
N PRO A 77 -16.50 -15.27 5.32
CA PRO A 77 -17.02 -16.10 6.42
C PRO A 77 -18.20 -16.96 6.00
N ASN A 78 -18.48 -18.00 6.77
CA ASN A 78 -19.65 -18.81 6.49
C ASN A 78 -20.82 -18.20 7.30
N LYS A 79 -21.84 -17.76 6.57
CA LYS A 79 -23.02 -17.05 7.15
C LYS A 79 -23.76 -17.86 8.20
N THR A 80 -23.76 -19.18 8.06
CA THR A 80 -24.48 -20.03 9.01
C THR A 80 -23.58 -20.82 9.98
N HIS A 81 -22.30 -20.51 9.99
CA HIS A 81 -21.35 -21.14 10.89
C HIS A 81 -20.32 -20.06 11.29
N PRO A 82 -20.68 -19.15 12.21
CA PRO A 82 -19.78 -17.99 12.38
C PRO A 82 -18.45 -18.29 13.08
N ASN A 83 -17.47 -17.43 12.80
CA ASN A 83 -16.14 -17.49 13.39
C ASN A 83 -16.21 -16.88 14.76
N TYR A 84 -15.53 -17.51 15.72
CA TYR A 84 -15.40 -16.87 17.04
C TYR A 84 -14.28 -17.53 17.83
N ILE A 85 -13.92 -16.91 18.95
CA ILE A 85 -12.88 -17.46 19.82
C ILE A 85 -13.48 -17.65 21.20
N SER A 86 -13.03 -18.71 21.86
CA SER A 86 -13.49 -19.02 23.21
C SER A 86 -12.36 -19.13 24.20
N ILE A 87 -12.67 -18.88 25.48
CA ILE A 87 -11.92 -19.48 26.57
C ILE A 87 -12.76 -20.68 26.97
N ILE A 88 -12.08 -21.82 27.03
CA ILE A 88 -12.72 -23.10 27.29
C ILE A 88 -12.15 -23.65 28.61
N ASN A 89 -13.02 -24.15 29.48
CA ASN A 89 -12.52 -24.76 30.73
C ASN A 89 -12.13 -26.23 30.52
N GLU A 90 -11.61 -26.87 31.56
CA GLU A 90 -11.09 -28.26 31.46
C GLU A 90 -12.16 -29.31 31.13
N ASP A 91 -13.43 -28.96 31.33
CA ASP A 91 -14.57 -29.83 30.99
C ASP A 91 -15.00 -29.63 29.54
N GLY A 92 -14.37 -28.67 28.87
CA GLY A 92 -14.74 -28.28 27.53
C GLY A 92 -15.97 -27.38 27.48
N ASN A 93 -16.21 -26.61 28.54
CA ASN A 93 -17.26 -25.60 28.48
C ASN A 93 -16.68 -24.26 28.02
N GLU A 94 -17.32 -23.68 27.02
CA GLU A 94 -16.84 -22.39 26.48
C GLU A 94 -17.37 -21.31 27.39
N ILE A 95 -16.51 -20.81 28.29
CA ILE A 95 -16.95 -19.87 29.34
C ILE A 95 -16.93 -18.41 28.93
N PHE A 96 -16.23 -18.09 27.84
CA PHE A 96 -16.27 -16.75 27.28
C PHE A 96 -16.20 -16.89 25.76
N ASN A 97 -17.03 -16.12 25.05
CA ASN A 97 -17.00 -16.07 23.58
C ASN A 97 -16.84 -14.66 23.08
N THR A 98 -15.97 -14.50 22.07
CA THR A 98 -15.83 -13.20 21.37
C THR A 98 -17.08 -12.91 20.55
N SER A 99 -17.24 -11.62 20.22
CA SER A 99 -18.42 -11.13 19.51
C SER A 99 -18.57 -11.75 18.12
N LEU A 100 -19.81 -11.87 17.66
CA LEU A 100 -20.07 -12.38 16.30
C LEU A 100 -20.18 -11.25 15.29
N PHE A 101 -20.22 -10.00 15.78
CA PHE A 101 -20.32 -8.83 14.89
C PHE A 101 -20.03 -7.57 15.65
N GLU A 102 -19.68 -6.50 14.93
CA GLU A 102 -19.53 -5.17 15.55
C GLU A 102 -20.91 -4.53 15.70
N PRO A 103 -21.19 -3.90 16.87
CA PRO A 103 -22.50 -3.25 16.98
C PRO A 103 -22.65 -2.22 15.85
N PRO A 104 -23.67 -2.34 15.01
CA PRO A 104 -23.67 -1.43 13.86
C PRO A 104 -23.92 0.03 14.26
N PRO A 105 -23.42 0.98 13.44
CA PRO A 105 -23.54 2.38 13.79
C PRO A 105 -24.97 2.91 13.67
N PRO A 106 -25.27 4.04 14.32
CA PRO A 106 -26.63 4.61 14.31
C PRO A 106 -27.23 4.81 12.90
N GLY A 107 -28.45 4.29 12.69
CA GLY A 107 -29.15 4.45 11.43
C GLY A 107 -28.79 3.38 10.39
N TYR A 108 -27.79 2.55 10.71
CA TYR A 108 -27.35 1.43 9.84
C TYR A 108 -27.56 0.08 10.50
N GLU A 109 -28.19 0.05 11.67
CA GLU A 109 -28.47 -1.21 12.35
C GLU A 109 -29.36 -2.19 11.52
N ASN A 110 -29.97 -1.70 10.42
CA ASN A 110 -30.79 -2.55 9.52
C ASN A 110 -30.17 -2.75 8.14
N VAL A 111 -28.94 -2.29 7.99
CA VAL A 111 -28.24 -2.57 6.76
C VAL A 111 -27.90 -4.08 6.73
N SER A 112 -28.17 -4.70 5.59
CA SER A 112 -27.84 -6.09 5.45
C SER A 112 -26.47 -6.24 4.76
N ASP A 113 -25.96 -7.47 4.87
CA ASP A 113 -24.77 -7.85 4.17
C ASP A 113 -23.58 -7.10 4.73
N ILE A 114 -23.58 -6.73 6.01
CA ILE A 114 -22.32 -6.27 6.61
C ILE A 114 -21.50 -7.52 6.94
N VAL A 115 -20.36 -7.68 6.28
CA VAL A 115 -19.51 -8.83 6.54
C VAL A 115 -18.97 -8.75 7.98
N PRO A 116 -19.16 -9.82 8.78
CA PRO A 116 -18.60 -9.70 10.13
C PRO A 116 -17.06 -9.68 10.11
N PRO A 117 -16.43 -9.17 11.19
CA PRO A 117 -14.97 -9.20 11.22
C PRO A 117 -14.39 -10.58 10.98
N PHE A 118 -13.39 -10.64 10.12
CA PHE A 118 -12.69 -11.90 9.84
C PHE A 118 -11.36 -11.56 9.22
N SER A 119 -10.46 -12.53 9.17
CA SER A 119 -9.16 -12.35 8.51
C SER A 119 -9.26 -13.09 7.18
N ALA A 120 -9.28 -12.35 6.09
CA ALA A 120 -9.49 -12.98 4.81
C ALA A 120 -8.33 -13.90 4.47
N PHE A 121 -8.69 -15.09 3.97
CA PHE A 121 -7.83 -16.21 3.55
C PHE A 121 -7.33 -17.08 4.70
N SER A 122 -7.82 -16.83 5.91
CA SER A 122 -7.54 -17.81 7.02
C SER A 122 -8.02 -19.21 6.56
N PRO A 123 -7.20 -20.25 6.80
CA PRO A 123 -7.76 -21.60 6.67
C PRO A 123 -8.78 -21.88 7.78
N GLN A 124 -9.55 -22.94 7.59
CA GLN A 124 -10.46 -23.43 8.62
C GLN A 124 -9.70 -24.17 9.70
N GLY A 125 -10.25 -24.20 10.90
CA GLY A 125 -9.67 -25.02 11.96
C GLY A 125 -10.31 -24.66 13.28
N MET A 126 -10.13 -25.56 14.26
CA MET A 126 -10.57 -25.26 15.62
C MET A 126 -9.45 -25.53 16.63
N PRO A 127 -8.27 -24.92 16.42
CA PRO A 127 -7.13 -25.18 17.30
C PRO A 127 -7.45 -24.74 18.74
N GLU A 128 -6.99 -25.51 19.73
CA GLU A 128 -7.18 -25.20 21.15
C GLU A 128 -5.81 -25.19 21.79
N GLY A 129 -5.48 -24.18 22.58
CA GLY A 129 -4.15 -24.16 23.20
C GLY A 129 -3.88 -23.06 24.20
N ASP A 130 -2.62 -22.92 24.57
CA ASP A 130 -2.19 -21.88 25.50
C ASP A 130 -1.77 -20.66 24.70
N LEU A 131 -2.11 -19.48 25.21
CA LEU A 131 -1.78 -18.22 24.55
C LEU A 131 -0.35 -17.79 24.84
N VAL A 132 0.31 -17.22 23.82
CA VAL A 132 1.50 -16.44 24.03
C VAL A 132 1.25 -15.06 23.44
N TYR A 133 1.60 -14.02 24.19
CA TYR A 133 1.45 -12.64 23.69
C TYR A 133 2.77 -12.18 23.10
N VAL A 134 2.70 -11.70 21.86
CA VAL A 134 3.90 -11.44 21.06
C VAL A 134 4.04 -9.99 20.63
N ASN A 135 3.43 -9.08 21.39
CA ASN A 135 3.49 -7.66 21.09
C ASN A 135 2.91 -7.41 19.69
N TYR A 136 3.65 -6.74 18.79
CA TYR A 136 3.17 -6.48 17.41
C TYR A 136 3.49 -7.63 16.44
N ALA A 137 4.06 -8.73 16.97
CA ALA A 137 4.38 -9.88 16.13
C ALA A 137 5.39 -9.53 15.01
N ARG A 138 6.21 -8.50 15.26
CA ARG A 138 7.29 -8.13 14.33
C ARG A 138 8.45 -9.14 14.42
N THR A 139 9.33 -9.12 13.42
CA THR A 139 10.53 -9.94 13.47
C THR A 139 11.29 -9.75 14.79
N GLU A 140 11.47 -8.48 15.19
CA GLU A 140 12.24 -8.22 16.41
C GLU A 140 11.49 -8.67 17.68
N ASP A 141 10.16 -8.72 17.62
CA ASP A 141 9.40 -9.22 18.78
C ASP A 141 9.62 -10.74 18.98
N PHE A 142 9.62 -11.49 17.87
CA PHE A 142 9.91 -12.91 17.93
C PHE A 142 11.37 -13.18 18.29
N PHE A 143 12.30 -12.34 17.82
CA PHE A 143 13.71 -12.44 18.28
C PHE A 143 13.77 -12.31 19.81
N LYS A 144 13.12 -11.28 20.33
CA LYS A 144 13.06 -11.02 21.77
C LYS A 144 12.48 -12.22 22.52
N LEU A 145 11.36 -12.77 22.05
CA LEU A 145 10.72 -13.91 22.71
C LEU A 145 11.58 -15.14 22.71
N GLU A 146 12.10 -15.49 21.54
CA GLU A 146 12.71 -16.77 21.31
C GLU A 146 14.18 -16.77 21.73
N ARG A 147 14.90 -15.72 21.36
CA ARG A 147 16.35 -15.67 21.60
C ARG A 147 16.69 -15.18 23.00
N ASP A 148 15.99 -14.14 23.45
CA ASP A 148 16.31 -13.52 24.75
C ASP A 148 15.51 -14.11 25.91
N MET A 149 14.22 -14.33 25.69
CA MET A 149 13.35 -14.76 26.80
C MET A 149 13.19 -16.27 26.84
N LYS A 150 13.67 -16.92 25.78
CA LYS A 150 13.65 -18.38 25.61
C LYS A 150 12.24 -18.92 25.67
N ILE A 151 11.30 -18.19 25.07
CA ILE A 151 9.92 -18.64 25.05
C ILE A 151 9.62 -19.29 23.71
N ASN A 152 9.06 -20.49 23.75
CA ASN A 152 8.83 -21.28 22.56
C ASN A 152 7.37 -21.14 22.12
N CYS A 153 7.14 -20.64 20.90
CA CYS A 153 5.77 -20.48 20.41
C CYS A 153 5.22 -21.72 19.74
N SER A 154 6.03 -22.75 19.61
CA SER A 154 5.58 -23.95 18.92
C SER A 154 4.35 -24.58 19.59
N GLY A 155 3.30 -24.76 18.79
CA GLY A 155 2.05 -25.35 19.26
C GLY A 155 1.19 -24.42 20.10
N LYS A 156 1.57 -23.15 20.21
CA LYS A 156 0.81 -22.16 21.00
C LYS A 156 -0.11 -21.37 20.07
N ILE A 157 -1.12 -20.73 20.65
CA ILE A 157 -1.89 -19.70 19.96
C ILE A 157 -1.27 -18.36 20.30
N VAL A 158 -0.91 -17.61 19.26
CA VAL A 158 -0.29 -16.32 19.50
C VAL A 158 -1.36 -15.23 19.47
N ILE A 159 -1.28 -14.30 20.42
CA ILE A 159 -2.08 -13.10 20.38
C ILE A 159 -1.17 -11.88 20.18
N ALA A 160 -1.49 -11.09 19.16
CA ALA A 160 -0.67 -9.95 18.77
C ALA A 160 -1.53 -8.73 18.61
N ARG A 161 -1.01 -7.56 19.00
CA ARG A 161 -1.69 -6.33 18.68
C ARG A 161 -1.40 -5.88 17.26
N TYR A 162 -2.46 -5.36 16.61
CA TYR A 162 -2.31 -4.74 15.31
C TYR A 162 -1.41 -3.50 15.47
N GLY A 163 -0.75 -3.13 14.39
CA GLY A 163 -0.01 -1.87 14.33
C GLY A 163 1.40 -2.13 13.83
N LYS A 164 2.06 -1.06 13.41
CA LYS A 164 3.51 -1.06 13.05
C LYS A 164 3.88 -1.74 11.75
N VAL A 165 3.31 -2.92 11.50
CA VAL A 165 3.64 -3.64 10.25
C VAL A 165 2.37 -4.27 9.66
N PHE A 166 2.40 -4.56 8.37
CA PHE A 166 1.30 -5.25 7.71
C PHE A 166 0.93 -6.56 8.41
N ARG A 167 -0.37 -6.80 8.55
CA ARG A 167 -0.83 -7.94 9.36
C ARG A 167 -0.41 -9.29 8.75
N GLY A 168 -0.23 -9.33 7.43
CA GLY A 168 0.25 -10.54 6.77
C GLY A 168 1.66 -10.93 7.25
N ASN A 169 2.52 -9.92 7.50
CA ASN A 169 3.85 -10.20 8.04
C ASN A 169 3.79 -10.75 9.43
N LYS A 170 2.85 -10.24 10.23
CA LYS A 170 2.65 -10.83 11.57
C LYS A 170 2.33 -12.32 11.51
N VAL A 171 1.45 -12.70 10.57
CA VAL A 171 0.99 -14.06 10.46
C VAL A 171 2.14 -14.95 9.98
N LYS A 172 2.87 -14.48 8.97
CA LYS A 172 4.04 -15.21 8.50
C LYS A 172 5.01 -15.46 9.66
N ASN A 173 5.28 -14.41 10.44
CA ASN A 173 6.22 -14.53 11.59
C ASN A 173 5.69 -15.54 12.59
N ALA A 174 4.39 -15.49 12.87
CA ALA A 174 3.83 -16.44 13.89
C ALA A 174 3.93 -17.88 13.36
N GLN A 175 3.68 -18.03 12.06
CA GLN A 175 3.69 -19.35 11.42
C GLN A 175 5.08 -19.97 11.49
N LEU A 176 6.08 -19.15 11.18
CA LEU A 176 7.46 -19.64 11.16
C LEU A 176 7.99 -19.90 12.55
N ALA A 177 7.36 -19.26 13.55
CA ALA A 177 7.65 -19.55 14.95
C ALA A 177 6.96 -20.81 15.45
N GLY A 178 6.12 -21.44 14.63
CA GLY A 178 5.49 -22.70 15.01
C GLY A 178 4.13 -22.55 15.68
N ALA A 179 3.56 -21.34 15.66
CA ALA A 179 2.22 -21.09 16.25
C ALA A 179 1.16 -21.95 15.59
N LYS A 180 0.11 -22.32 16.33
CA LYS A 180 -0.97 -23.05 15.67
C LYS A 180 -2.19 -22.18 15.37
N GLY A 181 -2.10 -20.91 15.71
CA GLY A 181 -3.21 -19.98 15.41
C GLY A 181 -2.77 -18.59 15.82
N VAL A 182 -3.42 -17.57 15.26
CA VAL A 182 -3.08 -16.19 15.58
C VAL A 182 -4.37 -15.42 15.88
N ILE A 183 -4.37 -14.69 16.98
CA ILE A 183 -5.45 -13.76 17.27
C ILE A 183 -4.89 -12.34 17.16
N LEU A 184 -5.51 -11.53 16.29
CA LEU A 184 -5.10 -10.12 16.12
C LEU A 184 -6.11 -9.21 16.84
N TYR A 185 -5.62 -8.18 17.53
CA TYR A 185 -6.57 -7.27 18.22
C TYR A 185 -6.09 -5.84 18.14
N SER A 186 -7.03 -4.91 18.25
CA SER A 186 -6.70 -3.47 18.29
C SER A 186 -6.53 -2.95 19.72
N ASP A 187 -5.30 -2.60 20.08
CA ASP A 187 -5.07 -2.08 21.42
C ASP A 187 -5.36 -0.58 21.43
N PRO A 188 -6.02 -0.08 22.50
CA PRO A 188 -6.27 1.34 22.52
C PRO A 188 -4.97 2.18 22.55
N ALA A 189 -3.83 1.59 22.94
CA ALA A 189 -2.55 2.34 22.82
C ALA A 189 -2.32 2.82 21.38
N ASP A 190 -2.71 1.99 20.41
CA ASP A 190 -2.48 2.27 18.99
C ASP A 190 -3.71 2.82 18.27
N TYR A 191 -4.91 2.54 18.79
CA TYR A 191 -6.16 2.87 18.07
C TYR A 191 -7.15 3.74 18.84
N PHE A 192 -6.68 4.41 19.91
CA PHE A 192 -7.56 5.27 20.68
C PHE A 192 -6.74 6.50 21.09
N ALA A 193 -6.95 7.60 20.38
CA ALA A 193 -6.24 8.85 20.64
C ALA A 193 -6.74 9.45 21.93
N PRO A 194 -5.81 9.80 22.84
CA PRO A 194 -6.28 10.40 24.10
C PRO A 194 -7.12 11.65 23.87
N GLY A 195 -8.21 11.78 24.64
CA GLY A 195 -9.02 13.00 24.65
C GLY A 195 -10.04 13.11 23.52
N VAL A 196 -10.17 12.07 22.70
CA VAL A 196 -11.21 12.03 21.63
C VAL A 196 -12.24 10.94 21.91
N LYS A 197 -13.49 11.22 21.55
CA LYS A 197 -14.60 10.32 21.79
C LYS A 197 -14.64 9.17 20.80
N SER A 198 -15.16 8.02 21.23
CA SER A 198 -15.42 6.86 20.36
C SER A 198 -16.55 7.19 19.41
N TYR A 199 -16.53 6.59 18.21
CA TYR A 199 -17.66 6.63 17.30
C TYR A 199 -18.94 6.18 18.01
N PRO A 200 -20.08 6.90 17.82
CA PRO A 200 -20.38 7.95 16.82
C PRO A 200 -20.14 9.39 17.26
N ASP A 201 -19.54 9.58 18.42
CA ASP A 201 -19.39 10.92 18.98
C ASP A 201 -18.01 11.52 18.69
N GLY A 202 -17.14 10.73 18.07
CA GLY A 202 -15.83 11.21 17.66
C GLY A 202 -15.20 10.14 16.80
N TRP A 203 -13.92 10.25 16.54
CA TRP A 203 -13.31 9.38 15.53
C TRP A 203 -12.52 8.21 16.12
N ASN A 204 -12.65 7.95 17.42
CA ASN A 204 -11.96 6.83 18.06
C ASN A 204 -12.66 5.48 17.87
N LEU A 205 -11.90 4.39 18.05
CA LEU A 205 -12.40 3.03 17.96
C LEU A 205 -13.07 2.63 19.30
N PRO A 206 -14.35 2.24 19.24
CA PRO A 206 -14.95 1.64 20.42
C PRO A 206 -14.45 0.21 20.69
N GLY A 207 -14.76 -0.28 21.89
CA GLY A 207 -14.20 -1.54 22.35
C GLY A 207 -14.75 -2.73 21.59
N GLY A 208 -15.90 -2.53 20.93
CA GLY A 208 -16.50 -3.57 20.06
C GLY A 208 -16.08 -3.42 18.61
N GLY A 209 -15.30 -2.38 18.28
CA GLY A 209 -14.81 -2.24 16.89
C GLY A 209 -13.71 -3.24 16.55
N VAL A 210 -13.65 -3.62 15.28
CA VAL A 210 -12.67 -4.63 14.84
C VAL A 210 -12.18 -4.28 13.45
N GLN A 211 -10.86 -4.45 13.28
CA GLN A 211 -10.24 -4.17 11.97
C GLN A 211 -10.21 -5.45 11.16
N ARG A 212 -10.95 -5.47 10.05
CA ARG A 212 -10.86 -6.51 9.01
C ARG A 212 -9.53 -6.41 8.25
N GLY A 213 -9.21 -7.43 7.48
CA GLY A 213 -8.07 -7.27 6.52
C GLY A 213 -7.52 -8.63 6.12
N ASN A 214 -7.00 -8.71 4.90
CA ASN A 214 -6.41 -9.96 4.46
C ASN A 214 -5.05 -10.21 5.11
N ILE A 215 -4.68 -11.49 5.20
CA ILE A 215 -3.43 -11.87 5.88
C ILE A 215 -2.54 -12.68 4.92
N LEU A 216 -2.64 -12.38 3.62
CA LEU A 216 -1.80 -13.05 2.63
C LEU A 216 -0.34 -12.58 2.69
N ASN A 217 0.55 -13.41 2.15
CA ASN A 217 1.91 -12.97 1.80
C ASN A 217 2.18 -13.21 0.32
N LEU A 218 1.59 -12.36 -0.53
CA LEU A 218 1.61 -12.57 -1.97
C LEU A 218 2.93 -12.20 -2.62
N ASN A 219 3.67 -11.27 -2.01
CA ASN A 219 4.92 -10.73 -2.62
C ASN A 219 4.73 -10.29 -4.05
N GLY A 220 3.57 -9.69 -4.31
CA GLY A 220 3.32 -9.13 -5.64
C GLY A 220 2.66 -10.06 -6.62
N ALA A 221 2.26 -11.27 -6.21
CA ALA A 221 1.77 -12.24 -7.20
C ALA A 221 0.38 -11.95 -7.78
N GLY A 222 -0.44 -11.20 -7.08
CA GLY A 222 -1.83 -11.05 -7.51
C GLY A 222 -2.69 -12.23 -7.08
N ASP A 223 -3.67 -12.60 -7.92
CA ASP A 223 -4.52 -13.79 -7.59
C ASP A 223 -3.67 -14.98 -7.18
N PRO A 224 -3.92 -15.55 -5.99
CA PRO A 224 -3.10 -16.65 -5.53
C PRO A 224 -3.05 -17.87 -6.48
N LEU A 225 -4.05 -18.03 -7.36
CA LEU A 225 -4.12 -19.21 -8.23
C LEU A 225 -3.47 -19.03 -9.62
N THR A 226 -3.12 -17.80 -10.00
CA THR A 226 -2.67 -17.55 -11.40
C THR A 226 -1.46 -16.65 -11.49
N PRO A 227 -0.43 -16.90 -10.67
CA PRO A 227 0.71 -15.97 -10.69
C PRO A 227 1.34 -15.85 -12.09
N GLY A 228 1.51 -14.60 -12.57
CA GLY A 228 2.18 -14.41 -13.87
C GLY A 228 1.24 -14.08 -15.01
N TYR A 229 -0.04 -14.49 -14.85
CA TYR A 229 -0.96 -14.47 -16.00
C TYR A 229 -2.35 -14.02 -15.51
N PRO A 230 -3.10 -13.32 -16.38
CA PRO A 230 -4.42 -12.85 -15.92
C PRO A 230 -5.41 -14.02 -15.72
N ALA A 231 -6.24 -13.85 -14.68
CA ALA A 231 -7.27 -14.85 -14.31
C ALA A 231 -8.49 -14.68 -15.22
N ASN A 232 -8.26 -14.92 -16.50
CA ASN A 232 -9.31 -14.80 -17.53
C ASN A 232 -10.11 -16.09 -17.62
N GLU A 233 -10.98 -16.20 -18.65
CA GLU A 233 -11.92 -17.32 -18.71
C GLU A 233 -11.24 -18.67 -18.91
N TYR A 234 -10.10 -18.69 -19.61
CA TYR A 234 -9.45 -19.97 -19.91
C TYR A 234 -8.23 -20.26 -19.05
N ALA A 235 -8.06 -19.48 -17.98
CA ALA A 235 -6.83 -19.54 -17.22
C ALA A 235 -6.70 -20.92 -16.59
N TYR A 236 -5.45 -21.40 -16.52
CA TYR A 236 -5.21 -22.61 -15.77
CA TYR A 236 -5.02 -22.59 -15.74
C TYR A 236 -4.86 -22.14 -14.34
N ARG A 237 -5.48 -22.80 -13.38
CA ARG A 237 -5.31 -22.40 -11.99
C ARG A 237 -4.51 -23.42 -11.24
N ARG A 238 -3.62 -22.93 -10.36
CA ARG A 238 -3.05 -23.84 -9.36
C ARG A 238 -4.12 -24.44 -8.49
N GLY A 239 -3.84 -25.64 -8.00
CA GLY A 239 -4.61 -26.20 -6.89
C GLY A 239 -4.32 -25.37 -5.65
N ILE A 240 -5.27 -25.39 -4.72
CA ILE A 240 -5.18 -24.63 -3.46
C ILE A 240 -3.90 -24.93 -2.73
N ALA A 241 -3.43 -26.18 -2.78
CA ALA A 241 -2.19 -26.54 -2.07
C ALA A 241 -0.95 -25.84 -2.62
N GLU A 242 -1.00 -25.39 -3.88
CA GLU A 242 0.13 -24.73 -4.52
C GLU A 242 -0.13 -23.20 -4.67
N ALA A 243 -1.26 -22.73 -4.12
CA ALA A 243 -1.62 -21.32 -4.21
C ALA A 243 -0.53 -20.46 -3.58
N VAL A 244 -0.38 -19.25 -4.09
CA VAL A 244 0.59 -18.31 -3.52
C VAL A 244 0.04 -17.58 -2.31
N GLY A 245 0.81 -17.59 -1.23
CA GLY A 245 0.64 -16.63 -0.14
C GLY A 245 -0.36 -16.92 0.95
N LEU A 246 -1.02 -18.10 0.89
CA LEU A 246 -2.04 -18.43 1.91
C LEU A 246 -1.41 -18.84 3.23
N PRO A 247 -2.02 -18.43 4.33
CA PRO A 247 -1.51 -18.82 5.64
C PRO A 247 -1.88 -20.25 5.94
N SER A 248 -1.10 -20.88 6.81
CA SER A 248 -1.30 -22.32 7.09
C SER A 248 -1.95 -22.54 8.45
N ILE A 249 -2.20 -21.45 9.16
CA ILE A 249 -2.83 -21.54 10.49
C ILE A 249 -4.01 -20.59 10.58
N PRO A 250 -5.04 -20.93 11.38
CA PRO A 250 -6.20 -20.03 11.49
C PRO A 250 -5.88 -18.69 12.16
N VAL A 251 -6.57 -17.64 11.72
CA VAL A 251 -6.31 -16.26 12.21
C VAL A 251 -7.64 -15.54 12.33
N HIS A 252 -7.80 -14.73 13.36
CA HIS A 252 -9.05 -13.99 13.53
C HIS A 252 -8.80 -12.70 14.29
N PRO A 253 -9.48 -11.61 13.91
CA PRO A 253 -9.29 -10.31 14.59
C PRO A 253 -10.43 -10.01 15.57
N ILE A 254 -10.09 -9.32 16.67
CA ILE A 254 -11.07 -8.94 17.69
C ILE A 254 -10.81 -7.51 18.17
N GLY A 255 -11.80 -6.96 18.88
CA GLY A 255 -11.70 -5.62 19.44
C GLY A 255 -11.13 -5.65 20.87
N TYR A 256 -10.94 -4.49 21.47
CA TYR A 256 -10.27 -4.47 22.77
C TYR A 256 -11.11 -4.87 23.99
N TYR A 257 -12.44 -4.84 23.90
CA TYR A 257 -13.24 -5.49 24.96
C TYR A 257 -12.95 -6.99 25.04
N ASP A 258 -12.98 -7.66 23.89
CA ASP A 258 -12.71 -9.08 23.82
C ASP A 258 -11.25 -9.41 24.14
N ALA A 259 -10.34 -8.59 23.61
CA ALA A 259 -8.92 -8.76 23.92
C ALA A 259 -8.63 -8.68 25.42
N GLN A 260 -9.25 -7.74 26.13
CA GLN A 260 -9.04 -7.63 27.58
C GLN A 260 -9.41 -8.95 28.26
N LYS A 261 -10.48 -9.59 27.78
CA LYS A 261 -10.91 -10.85 28.39
C LYS A 261 -9.92 -12.00 28.13
N LEU A 262 -9.27 -11.98 26.97
CA LEU A 262 -8.23 -12.97 26.65
C LEU A 262 -6.89 -12.69 27.35
N LEU A 263 -6.56 -11.42 27.54
CA LEU A 263 -5.26 -11.06 28.10
C LEU A 263 -5.24 -11.06 29.62
N GLU A 264 -6.38 -10.80 30.25
CA GLU A 264 -6.38 -10.50 31.68
C GLU A 264 -5.90 -11.66 32.57
N LYS A 265 -6.10 -12.88 32.10
CA LYS A 265 -5.71 -14.06 32.87
C LYS A 265 -4.29 -14.55 32.53
N MET A 266 -3.61 -13.88 31.59
CA MET A 266 -2.27 -14.32 31.17
C MET A 266 -1.20 -14.34 32.29
N GLY A 267 -0.45 -15.45 32.33
CA GLY A 267 0.61 -15.66 33.31
C GLY A 267 1.97 -15.81 32.64
N GLY A 268 2.77 -16.76 33.14
CA GLY A 268 4.09 -16.98 32.59
C GLY A 268 4.95 -15.77 32.90
N SER A 269 5.79 -15.38 31.94
CA SER A 269 6.77 -14.31 32.15
C SER A 269 6.16 -12.91 32.00
N ALA A 270 6.69 -11.96 32.75
CA ALA A 270 6.35 -10.53 32.64
C ALA A 270 6.74 -9.98 31.24
N PRO A 271 6.08 -8.87 30.77
CA PRO A 271 6.53 -8.28 29.49
C PRO A 271 7.99 -7.83 29.69
N PRO A 272 8.84 -7.90 28.64
CA PRO A 272 10.27 -7.64 28.89
C PRO A 272 10.59 -6.18 29.19
N ASP A 273 9.75 -5.28 28.72
CA ASP A 273 9.92 -3.84 28.95
C ASP A 273 8.61 -3.11 28.57
N SER A 274 8.59 -1.79 28.77
CA SER A 274 7.35 -1.02 28.60
C SER A 274 6.86 -0.91 27.15
N SER A 275 7.76 -1.11 26.18
CA SER A 275 7.37 -1.05 24.77
C SER A 275 6.46 -2.23 24.36
N TRP A 276 6.30 -3.19 25.29
CA TRP A 276 5.44 -4.35 25.09
C TRP A 276 4.08 -4.18 25.74
N ARG A 277 3.92 -3.11 26.54
CA ARG A 277 2.67 -2.82 27.23
C ARG A 277 1.80 -1.82 26.47
N GLY A 278 0.56 -2.22 26.17
CA GLY A 278 -0.44 -1.30 25.62
C GLY A 278 -1.18 -0.60 26.76
N SER A 279 -2.41 -0.17 26.49
CA SER A 279 -3.16 0.71 27.40
C SER A 279 -4.28 0.02 28.16
N LEU A 280 -4.48 -1.28 27.95
CA LEU A 280 -5.52 -1.98 28.71
C LEU A 280 -5.03 -2.23 30.15
N LYS A 281 -5.99 -2.45 31.03
CA LYS A 281 -5.69 -2.73 32.43
C LYS A 281 -5.41 -4.21 32.61
N VAL A 282 -4.33 -4.66 31.96
CA VAL A 282 -3.82 -6.01 32.10
C VAL A 282 -2.30 -5.95 32.26
N PRO A 283 -1.68 -7.06 32.71
CA PRO A 283 -0.22 -6.98 32.93
C PRO A 283 0.60 -7.07 31.66
N TYR A 284 0.00 -7.57 30.58
CA TYR A 284 0.73 -7.88 29.33
C TYR A 284 1.81 -8.94 29.52
N ASN A 285 1.50 -9.90 30.39
CA ASN A 285 2.31 -11.08 30.54
C ASN A 285 2.41 -11.80 29.20
N VAL A 286 3.58 -12.33 28.92
CA VAL A 286 3.82 -12.93 27.63
C VAL A 286 3.33 -14.38 27.59
N GLY A 287 3.18 -14.99 28.78
CA GLY A 287 2.73 -16.38 28.86
C GLY A 287 3.94 -17.28 28.87
N PRO A 288 3.81 -18.51 28.37
CA PRO A 288 2.62 -19.14 27.80
C PRO A 288 1.54 -19.47 28.85
N GLY A 289 0.28 -19.39 28.43
CA GLY A 289 -0.85 -19.82 29.26
C GLY A 289 -1.26 -18.82 30.34
N PHE A 290 -2.20 -19.24 31.20
CA PHE A 290 -2.85 -18.35 32.16
C PHE A 290 -2.24 -18.54 33.56
N THR A 291 -2.50 -17.62 34.48
CA THR A 291 -1.96 -17.73 35.86
C THR A 291 -2.57 -18.91 36.61
N GLY A 292 -1.96 -19.25 37.75
CA GLY A 292 -2.30 -20.43 38.53
C GLY A 292 -3.73 -20.94 38.58
N ASN A 293 -4.67 -20.10 39.03
CA ASN A 293 -6.07 -20.52 39.17
C ASN A 293 -6.75 -20.90 37.86
N PHE A 294 -6.26 -20.36 36.73
CA PHE A 294 -6.91 -20.58 35.44
C PHE A 294 -6.05 -21.41 34.49
N SER A 295 -5.02 -22.05 35.05
CA SER A 295 -3.98 -22.68 34.23
C SER A 295 -4.46 -23.86 33.41
N THR A 296 -5.62 -24.41 33.78
CA THR A 296 -6.21 -25.52 33.01
C THR A 296 -7.21 -25.05 31.96
N GLN A 297 -7.47 -23.75 31.94
CA GLN A 297 -8.29 -23.19 30.88
C GLN A 297 -7.40 -23.04 29.65
N LYS A 298 -8.03 -23.10 28.48
CA LYS A 298 -7.38 -22.91 27.18
C LYS A 298 -8.13 -21.90 26.32
N VAL A 299 -7.49 -21.52 25.21
CA VAL A 299 -8.16 -20.73 24.18
C VAL A 299 -8.44 -21.60 22.97
N LYS A 300 -9.67 -21.49 22.46
CA LYS A 300 -10.07 -22.23 21.26
C LYS A 300 -10.61 -21.29 20.19
N MET A 301 -10.07 -21.43 18.97
CA MET A 301 -10.56 -20.66 17.82
C MET A 301 -11.56 -21.51 17.06
N HIS A 302 -12.53 -20.89 16.38
CA HIS A 302 -13.45 -21.63 15.54
C HIS A 302 -13.51 -20.86 14.24
N ILE A 303 -12.79 -21.32 13.23
CA ILE A 303 -12.72 -20.57 11.94
C ILE A 303 -13.27 -21.46 10.83
N HIS A 304 -14.28 -20.94 10.14
CA HIS A 304 -15.00 -21.69 9.11
C HIS A 304 -15.15 -20.97 7.77
N SER A 305 -14.36 -19.91 7.60
CA SER A 305 -14.34 -19.16 6.35
C SER A 305 -13.98 -20.04 5.18
N THR A 306 -14.40 -19.64 3.97
CA THR A 306 -14.08 -20.44 2.77
C THR A 306 -13.43 -19.57 1.72
N ASN A 307 -12.47 -20.15 1.02
CA ASN A 307 -11.88 -19.47 -0.13
C ASN A 307 -12.69 -19.88 -1.35
N GLU A 308 -13.02 -18.92 -2.20
N GLU A 308 -12.96 -18.91 -2.21
CA GLU A 308 -13.91 -19.18 -3.35
CA GLU A 308 -13.86 -19.13 -3.34
C GLU A 308 -13.53 -18.33 -4.55
C GLU A 308 -13.38 -18.34 -4.52
N VAL A 309 -13.36 -18.98 -5.69
CA VAL A 309 -13.03 -18.24 -6.92
C VAL A 309 -14.31 -17.43 -7.29
N THR A 310 -14.13 -16.12 -7.50
CA THR A 310 -15.24 -15.18 -7.57
C THR A 310 -14.91 -14.12 -8.61
N ARG A 311 -15.93 -13.63 -9.34
CA ARG A 311 -15.68 -12.64 -10.39
C ARG A 311 -15.53 -11.23 -9.77
N ILE A 312 -14.56 -10.49 -10.31
CA ILE A 312 -14.34 -9.10 -9.86
C ILE A 312 -14.31 -8.23 -11.12
N TYR A 313 -14.49 -6.92 -10.93
CA TYR A 313 -14.67 -6.03 -12.08
C TYR A 313 -13.92 -4.74 -11.89
N ASN A 314 -12.95 -4.50 -12.76
CA ASN A 314 -12.31 -3.17 -12.81
C ASN A 314 -13.05 -2.29 -13.80
N VAL A 315 -13.16 -1.01 -13.51
CA VAL A 315 -13.60 -0.06 -14.57
C VAL A 315 -12.37 0.65 -15.14
N ILE A 316 -12.25 0.66 -16.48
CA ILE A 316 -11.08 1.27 -17.15
C ILE A 316 -11.58 2.33 -18.12
N GLY A 317 -11.28 3.59 -17.84
CA GLY A 317 -11.74 4.73 -18.68
C GLY A 317 -10.55 5.27 -19.48
N THR A 318 -10.75 5.64 -20.74
CA THR A 318 -9.64 6.13 -21.60
C THR A 318 -9.97 7.54 -22.06
N LEU A 319 -9.02 8.45 -21.89
CA LEU A 319 -9.09 9.75 -22.55
C LEU A 319 -7.92 9.80 -23.53
N ARG A 320 -8.22 9.60 -24.82
N ARG A 320 -8.20 9.60 -24.81
CA ARG A 320 -7.17 9.50 -25.85
CA ARG A 320 -7.14 9.47 -25.81
C ARG A 320 -6.33 10.78 -25.99
C ARG A 320 -6.33 10.76 -26.02
N GLY A 321 -5.00 10.63 -25.98
CA GLY A 321 -4.09 11.77 -26.19
C GLY A 321 -4.12 12.28 -27.63
N ALA A 322 -3.98 13.58 -27.75
CA ALA A 322 -4.02 14.26 -29.06
C ALA A 322 -2.76 14.05 -29.87
N VAL A 323 -1.61 13.97 -29.17
CA VAL A 323 -0.29 13.94 -29.86
C VAL A 323 0.45 12.61 -29.68
N GLU A 324 0.47 12.13 -28.42
CA GLU A 324 1.09 10.83 -28.09
C GLU A 324 0.07 9.89 -27.47
N PRO A 325 -0.89 9.40 -28.27
CA PRO A 325 -1.93 8.51 -27.74
C PRO A 325 -1.36 7.17 -27.28
N ASP A 326 -0.15 6.83 -27.75
CA ASP A 326 0.52 5.61 -27.32
C ASP A 326 1.40 5.81 -26.08
N ARG A 327 1.11 6.84 -25.27
CA ARG A 327 1.83 7.04 -24.04
C ARG A 327 0.76 7.18 -22.98
N TYR A 328 0.88 6.41 -21.90
CA TYR A 328 -0.24 6.32 -20.94
C TYR A 328 0.13 6.89 -19.60
N VAL A 329 -0.72 7.78 -19.09
CA VAL A 329 -0.59 8.29 -17.73
C VAL A 329 -1.82 7.70 -17.00
N ILE A 330 -1.59 7.01 -15.88
CA ILE A 330 -2.68 6.24 -15.28
C ILE A 330 -2.99 6.81 -13.91
N LEU A 331 -4.28 7.06 -13.68
CA LEU A 331 -4.77 7.43 -12.32
C LEU A 331 -5.65 6.27 -11.90
N GLY A 332 -5.24 5.57 -10.84
CA GLY A 332 -6.02 4.39 -10.41
C GLY A 332 -6.18 4.30 -8.92
N GLY A 333 -7.31 3.76 -8.48
CA GLY A 333 -7.47 3.51 -7.04
C GLY A 333 -8.62 2.53 -6.89
N HIS A 334 -8.72 1.91 -5.73
CA HIS A 334 -9.74 0.85 -5.62
C HIS A 334 -11.13 1.36 -5.25
N ARG A 335 -12.11 0.47 -5.44
CA ARG A 335 -13.53 0.76 -5.26
C ARG A 335 -14.11 -0.19 -4.23
N ASP A 336 -13.55 -1.40 -4.16
CA ASP A 336 -14.09 -2.39 -3.17
C ASP A 336 -13.76 -1.94 -1.77
N SER A 337 -14.67 -2.22 -0.82
CA SER A 337 -14.41 -1.84 0.55
C SER A 337 -14.71 -3.04 1.45
N TRP A 338 -14.29 -2.97 2.71
CA TRP A 338 -14.69 -4.01 3.67
C TRP A 338 -16.15 -3.87 4.07
N VAL A 339 -16.57 -2.66 4.43
CA VAL A 339 -17.98 -2.40 4.69
C VAL A 339 -18.38 -1.17 3.89
N PHE A 340 -18.60 -0.01 4.54
CA PHE A 340 -19.08 1.17 3.81
C PHE A 340 -18.00 1.97 3.13
N GLY A 341 -16.75 1.79 3.58
CA GLY A 341 -15.63 2.45 2.86
C GLY A 341 -15.66 3.97 2.92
N GLY A 342 -16.15 4.52 4.04
CA GLY A 342 -16.27 6.00 4.21
C GLY A 342 -14.95 6.71 3.96
N ILE A 343 -13.86 6.14 4.48
CA ILE A 343 -12.54 6.65 4.12
C ILE A 343 -11.95 5.74 3.03
N ASP A 344 -11.90 4.45 3.32
CA ASP A 344 -11.11 3.49 2.53
C ASP A 344 -12.08 2.60 1.74
N PRO A 345 -12.20 2.83 0.44
CA PRO A 345 -11.42 3.75 -0.41
C PRO A 345 -12.24 4.93 -0.92
N GLN A 346 -13.48 5.11 -0.46
CA GLN A 346 -14.37 6.00 -1.24
C GLN A 346 -13.98 7.47 -1.14
N SER A 347 -13.26 7.83 -0.10
CA SER A 347 -12.70 9.20 -0.07
CA SER A 347 -12.63 9.16 -0.02
C SER A 347 -11.71 9.42 -1.22
N GLY A 348 -11.03 8.34 -1.65
CA GLY A 348 -10.15 8.36 -2.84
C GLY A 348 -10.98 8.29 -4.10
N ALA A 349 -11.91 7.33 -4.14
CA ALA A 349 -12.74 7.14 -5.37
C ALA A 349 -13.59 8.35 -5.73
N ALA A 350 -14.09 9.08 -4.71
CA ALA A 350 -14.88 10.29 -4.96
C ALA A 350 -13.99 11.34 -5.59
N VAL A 351 -12.73 11.39 -5.16
CA VAL A 351 -11.77 12.38 -5.74
C VAL A 351 -11.45 11.99 -7.21
N VAL A 352 -11.24 10.69 -7.46
CA VAL A 352 -11.04 10.28 -8.83
C VAL A 352 -12.25 10.66 -9.73
N HIS A 353 -13.45 10.45 -9.21
CA HIS A 353 -14.69 10.70 -9.95
C HIS A 353 -14.73 12.19 -10.35
N GLU A 354 -14.37 13.05 -9.41
CA GLU A 354 -14.38 14.51 -9.70
C GLU A 354 -13.28 14.92 -10.69
N ILE A 355 -12.11 14.29 -10.55
CA ILE A 355 -11.02 14.47 -11.53
C ILE A 355 -11.45 14.08 -12.95
N VAL A 356 -12.08 12.93 -13.10
CA VAL A 356 -12.61 12.52 -14.40
C VAL A 356 -13.62 13.53 -14.92
N ARG A 357 -14.52 13.95 -14.03
CA ARG A 357 -15.52 14.95 -14.41
C ARG A 357 -14.87 16.22 -14.93
N SER A 358 -13.83 16.69 -14.21
CA SER A 358 -13.13 17.91 -14.66
C SER A 358 -12.40 17.72 -16.00
N PHE A 359 -11.63 16.62 -16.15
CA PHE A 359 -11.00 16.39 -17.46
C PHE A 359 -12.06 16.29 -18.57
N GLY A 360 -13.21 15.66 -18.27
CA GLY A 360 -14.30 15.52 -19.26
C GLY A 360 -14.89 16.86 -19.68
N THR A 361 -14.93 17.79 -18.73
CA THR A 361 -15.46 19.14 -19.02
C THR A 361 -14.59 19.85 -20.05
N LEU A 362 -13.27 19.75 -19.88
CA LEU A 362 -12.33 20.31 -20.84
C LEU A 362 -12.47 19.60 -22.17
N LYS A 363 -12.59 18.28 -22.12
CA LYS A 363 -12.73 17.48 -23.34
C LYS A 363 -13.97 17.90 -24.15
N LYS A 364 -15.11 18.09 -23.48
CA LYS A 364 -16.35 18.48 -24.20
C LYS A 364 -16.21 19.85 -24.86
N GLU A 365 -15.26 20.63 -24.39
CA GLU A 365 -14.96 21.96 -24.99
C GLU A 365 -13.92 21.92 -26.11
N GLY A 366 -13.45 20.72 -26.45
CA GLY A 366 -12.50 20.54 -27.54
C GLY A 366 -11.06 20.26 -27.14
N TRP A 367 -10.79 20.18 -25.84
CA TRP A 367 -9.43 19.95 -25.38
C TRP A 367 -9.16 18.44 -25.34
N ARG A 368 -7.92 18.06 -25.57
CA ARG A 368 -7.46 16.70 -25.26
C ARG A 368 -6.09 16.85 -24.67
N PRO A 369 -5.73 15.98 -23.71
CA PRO A 369 -4.37 15.96 -23.19
C PRO A 369 -3.40 15.53 -24.27
N ARG A 370 -2.14 15.90 -24.13
CA ARG A 370 -1.12 15.49 -25.11
C ARG A 370 -0.99 13.95 -25.18
N ARG A 371 -0.83 13.33 -24.01
CA ARG A 371 -0.76 11.86 -23.90
C ARG A 371 -2.10 11.30 -23.43
N THR A 372 -2.29 9.99 -23.62
CA THR A 372 -3.49 9.31 -23.14
C THR A 372 -3.49 9.24 -21.61
N ILE A 373 -4.65 9.52 -21.05
CA ILE A 373 -4.90 9.28 -19.63
C ILE A 373 -5.83 8.07 -19.47
N LEU A 374 -5.40 7.13 -18.62
CA LEU A 374 -6.25 5.97 -18.27
C LEU A 374 -6.69 6.19 -16.84
N PHE A 375 -7.98 5.97 -16.60
CA PHE A 375 -8.55 6.07 -15.24
C PHE A 375 -9.02 4.66 -14.83
N ALA A 376 -8.70 4.27 -13.61
CA ALA A 376 -9.07 2.91 -13.15
C ALA A 376 -9.74 2.94 -11.77
N SER A 377 -10.84 2.18 -11.70
CA SER A 377 -11.54 1.85 -10.47
C SER A 377 -11.27 0.35 -10.24
N TRP A 378 -10.30 0.06 -9.36
CA TRP A 378 -9.86 -1.35 -9.21
C TRP A 378 -10.74 -2.09 -8.23
N ASP A 379 -10.93 -3.38 -8.52
CA ASP A 379 -11.68 -4.23 -7.60
C ASP A 379 -10.72 -5.11 -6.80
N ALA A 380 -11.26 -5.66 -5.71
CA ALA A 380 -10.55 -6.61 -4.84
C ALA A 380 -9.17 -6.19 -4.36
N GLU A 381 -8.98 -4.89 -4.18
CA GLU A 381 -7.74 -4.44 -3.61
C GLU A 381 -7.63 -4.99 -2.21
N GLU A 382 -8.78 -5.06 -1.51
CA GLU A 382 -8.71 -5.48 -0.12
C GLU A 382 -8.27 -6.92 0.07
N PHE A 383 -8.39 -7.72 -0.98
CA PHE A 383 -8.02 -9.11 -0.93
C PHE A 383 -6.65 -9.38 -1.52
N GLY A 384 -5.84 -8.33 -1.68
CA GLY A 384 -4.45 -8.54 -2.10
C GLY A 384 -4.08 -7.87 -3.43
N LEU A 385 -4.67 -6.69 -3.65
CA LEU A 385 -4.33 -5.89 -4.88
C LEU A 385 -4.70 -6.72 -6.14
N LEU A 386 -5.80 -7.46 -6.07
CA LEU A 386 -6.03 -8.49 -7.10
C LEU A 386 -6.45 -7.88 -8.44
N GLY A 387 -7.32 -6.87 -8.39
CA GLY A 387 -7.86 -6.24 -9.64
C GLY A 387 -6.77 -5.52 -10.43
N SER A 388 -5.97 -4.72 -9.73
CA SER A 388 -4.93 -3.94 -10.42
C SER A 388 -3.91 -4.96 -10.98
N THR A 389 -3.56 -5.96 -10.18
CA THR A 389 -2.50 -6.89 -10.58
C THR A 389 -2.93 -7.75 -11.76
N GLU A 390 -4.16 -8.26 -11.75
CA GLU A 390 -4.60 -9.08 -12.87
C GLU A 390 -4.64 -8.26 -14.16
N TRP A 391 -5.13 -7.04 -14.06
CA TRP A 391 -5.23 -6.16 -15.27
C TRP A 391 -3.80 -5.86 -15.78
N ALA A 392 -2.87 -5.59 -14.86
CA ALA A 392 -1.49 -5.31 -15.30
C ALA A 392 -0.87 -6.55 -15.87
N GLU A 393 -1.17 -7.74 -15.31
CA GLU A 393 -0.69 -8.99 -15.96
C GLU A 393 -1.22 -9.16 -17.39
N GLU A 394 -2.49 -8.81 -17.58
N GLU A 394 -2.50 -8.85 -17.59
CA GLU A 394 -3.11 -8.97 -18.89
CA GLU A 394 -3.10 -8.96 -18.92
C GLU A 394 -2.44 -8.01 -19.87
C GLU A 394 -2.39 -8.01 -19.88
N ASN A 395 -2.12 -6.81 -19.39
CA ASN A 395 -1.69 -5.68 -20.28
C ASN A 395 -0.23 -5.33 -20.15
N SER A 396 0.56 -6.25 -19.57
CA SER A 396 1.96 -5.94 -19.23
C SER A 396 2.81 -5.43 -20.40
N ARG A 397 2.59 -5.98 -21.61
CA ARG A 397 3.39 -5.55 -22.75
C ARG A 397 3.05 -4.10 -23.13
N LEU A 398 1.75 -3.77 -23.09
CA LEU A 398 1.36 -2.38 -23.36
C LEU A 398 1.93 -1.43 -22.29
N LEU A 399 1.89 -1.86 -21.04
CA LEU A 399 2.27 -0.99 -19.96
C LEU A 399 3.79 -0.78 -19.93
N GLN A 400 4.50 -1.90 -20.20
N GLN A 400 4.56 -1.82 -20.15
CA GLN A 400 5.98 -1.95 -20.31
CA GLN A 400 5.99 -1.57 -20.02
C GLN A 400 6.46 -0.88 -21.26
C GLN A 400 6.58 -0.89 -21.29
N GLU A 401 5.88 -0.88 -22.45
CA GLU A 401 6.41 -0.09 -23.55
C GLU A 401 5.82 1.31 -23.66
N ARG A 402 4.68 1.50 -23.01
CA ARG A 402 3.93 2.76 -23.17
C ARG A 402 3.66 3.50 -21.87
N GLY A 403 3.91 2.87 -20.73
CA GLY A 403 3.49 3.46 -19.43
C GLY A 403 4.43 4.57 -18.96
N VAL A 404 3.90 5.79 -18.94
CA VAL A 404 4.70 6.91 -18.46
C VAL A 404 4.72 6.96 -16.92
N ALA A 405 3.55 6.88 -16.30
CA ALA A 405 3.46 7.10 -14.86
C ALA A 405 2.16 6.52 -14.35
N TYR A 406 2.19 6.17 -13.06
CA TYR A 406 0.99 5.73 -12.36
C TYR A 406 0.85 6.57 -11.11
N ILE A 407 -0.34 7.14 -10.94
CA ILE A 407 -0.68 7.88 -9.72
C ILE A 407 -1.80 7.12 -9.02
N ASN A 408 -1.55 6.74 -7.78
CA ASN A 408 -2.54 5.98 -7.02
C ASN A 408 -3.62 6.90 -6.45
N ALA A 409 -4.73 6.32 -6.03
CA ALA A 409 -5.86 7.14 -5.52
C ALA A 409 -6.72 6.31 -4.59
N ASP A 410 -6.08 5.76 -3.55
CA ASP A 410 -6.86 5.24 -2.41
C ASP A 410 -7.25 6.45 -1.53
N SER A 411 -7.69 6.14 -0.32
N SER A 411 -7.70 6.15 -0.31
CA SER A 411 -8.18 7.17 0.61
CA SER A 411 -8.21 7.16 0.62
C SER A 411 -7.47 8.53 0.46
C SER A 411 -7.50 8.51 0.52
N SER A 412 -8.27 9.56 0.24
CA SER A 412 -7.71 10.95 0.12
C SER A 412 -7.28 11.51 1.48
N ILE A 413 -7.93 11.09 2.54
CA ILE A 413 -7.66 11.61 3.87
C ILE A 413 -7.57 10.46 4.81
N GLU A 414 -6.55 10.45 5.65
CA GLU A 414 -6.52 9.52 6.78
C GLU A 414 -6.32 10.33 8.05
N GLY A 415 -6.48 11.65 7.93
CA GLY A 415 -6.24 12.60 9.00
C GLY A 415 -6.41 13.99 8.38
N ASN A 416 -6.19 15.04 9.13
CA ASN A 416 -6.37 16.37 8.58
C ASN A 416 -5.23 17.31 8.95
N TYR A 417 -4.05 16.72 9.22
CA TYR A 417 -2.90 17.48 9.69
C TYR A 417 -2.05 18.02 8.55
N THR A 418 -1.56 17.13 7.68
CA THR A 418 -0.78 17.63 6.55
C THR A 418 -0.73 16.66 5.40
N LEU A 419 -0.11 17.08 4.31
CA LEU A 419 0.06 16.17 3.17
C LEU A 419 1.08 15.07 3.42
N ARG A 420 0.87 13.92 2.80
CA ARG A 420 1.81 12.81 2.86
C ARG A 420 2.01 12.35 1.42
N VAL A 421 3.25 12.41 0.94
CA VAL A 421 3.55 11.97 -0.44
C VAL A 421 4.61 10.89 -0.42
N ASP A 422 4.36 9.79 -1.12
CA ASP A 422 5.37 8.72 -1.36
C ASP A 422 5.48 8.61 -2.87
N CYS A 423 6.69 8.63 -3.40
CA CYS A 423 6.83 8.53 -4.86
C CYS A 423 8.24 8.23 -5.27
N THR A 424 8.41 7.89 -6.54
CA THR A 424 9.73 7.80 -7.08
C THR A 424 10.49 9.14 -7.04
N PRO A 425 11.82 9.10 -6.84
CA PRO A 425 12.59 10.37 -6.94
C PRO A 425 12.29 11.13 -8.26
N LEU A 426 11.91 10.41 -9.32
CA LEU A 426 11.66 11.10 -10.61
C LEU A 426 10.54 12.13 -10.51
N MET A 427 9.66 12.01 -9.52
CA MET A 427 8.52 12.93 -9.34
CA MET A 427 8.58 12.98 -9.42
C MET A 427 8.75 14.00 -8.28
N TYR A 428 9.91 13.99 -7.62
CA TYR A 428 10.08 14.95 -6.50
C TYR A 428 9.91 16.41 -6.97
N SER A 429 10.57 16.70 -8.09
CA SER A 429 10.54 18.12 -8.59
C SER A 429 9.15 18.53 -9.01
N LEU A 430 8.45 17.62 -9.67
CA LEU A 430 7.05 17.82 -10.07
C LEU A 430 6.20 18.16 -8.84
N VAL A 431 6.36 17.35 -7.79
CA VAL A 431 5.54 17.53 -6.56
C VAL A 431 5.88 18.83 -5.89
N HIS A 432 7.18 19.13 -5.76
CA HIS A 432 7.56 20.45 -5.17
C HIS A 432 6.93 21.61 -5.95
N ASN A 433 7.07 21.58 -7.29
CA ASN A 433 6.59 22.71 -8.09
C ASN A 433 5.08 22.85 -8.04
N LEU A 434 4.37 21.71 -8.09
CA LEU A 434 2.93 21.77 -8.07
C LEU A 434 2.43 22.27 -6.71
N THR A 435 2.98 21.74 -5.63
CA THR A 435 2.51 22.19 -4.30
C THR A 435 2.81 23.66 -4.00
N LYS A 436 3.82 24.24 -4.66
CA LYS A 436 4.08 25.69 -4.48
C LYS A 436 3.02 26.54 -5.15
N GLU A 437 2.26 25.94 -6.06
CA GLU A 437 1.24 26.69 -6.81
C GLU A 437 -0.18 26.45 -6.30
N LEU A 438 -0.34 25.54 -5.34
CA LEU A 438 -1.62 25.26 -4.72
C LEU A 438 -1.78 25.96 -3.37
N LYS A 439 -3.02 26.28 -3.04
CA LYS A 439 -3.30 27.02 -1.80
C LYS A 439 -3.32 26.00 -0.66
N SER A 440 -2.74 26.34 0.49
CA SER A 440 -2.90 25.46 1.66
C SER A 440 -4.32 25.51 2.20
N PRO A 441 -4.89 24.37 2.58
CA PRO A 441 -6.23 24.40 3.19
C PRO A 441 -6.14 24.50 4.71
N ASP A 442 -4.92 24.55 5.26
CA ASP A 442 -4.69 24.37 6.70
C ASP A 442 -5.02 25.65 7.48
N GLU A 443 -5.58 25.47 8.66
CA GLU A 443 -5.84 26.61 9.54
C GLU A 443 -4.50 27.28 9.89
N GLY A 444 -4.46 28.61 9.80
CA GLY A 444 -3.23 29.32 10.11
C GLY A 444 -2.34 29.54 8.89
N PHE A 445 -2.65 28.90 7.77
CA PHE A 445 -1.84 29.10 6.57
C PHE A 445 -2.67 29.68 5.43
N GLU A 446 -3.74 30.42 5.77
CA GLU A 446 -4.58 30.98 4.72
C GLU A 446 -3.74 31.95 3.89
N GLY A 447 -3.83 31.83 2.57
CA GLY A 447 -3.02 32.66 1.68
C GLY A 447 -1.60 32.16 1.47
N LYS A 448 -1.27 31.02 2.08
CA LYS A 448 0.05 30.45 1.90
C LYS A 448 -0.09 29.25 0.97
N SER A 449 1.03 28.80 0.47
CA SER A 449 1.04 27.65 -0.43
C SER A 449 0.94 26.35 0.35
N LEU A 450 0.47 25.31 -0.33
CA LEU A 450 0.48 23.97 0.26
C LEU A 450 1.93 23.55 0.52
N TYR A 451 2.86 23.90 -0.40
CA TYR A 451 4.28 23.61 -0.14
C TYR A 451 4.74 24.17 1.23
N GLU A 452 4.39 25.42 1.50
CA GLU A 452 4.78 26.05 2.78
C GLU A 452 4.24 25.31 4.02
N SER A 453 2.94 24.99 4.04
CA SER A 453 2.32 24.31 5.18
C SER A 453 2.87 22.89 5.34
N TRP A 454 2.98 22.20 4.22
CA TRP A 454 3.50 20.84 4.23
C TRP A 454 4.94 20.78 4.73
N THR A 455 5.78 21.69 4.23
CA THR A 455 7.17 21.74 4.64
C THR A 455 7.31 22.09 6.14
N LYS A 456 6.50 23.03 6.60
CA LYS A 456 6.48 23.40 8.02
C LYS A 456 6.09 22.19 8.90
N LYS A 457 5.00 21.52 8.54
CA LYS A 457 4.48 20.41 9.35
C LYS A 457 5.21 19.08 9.23
N SER A 458 5.85 18.85 8.08
CA SER A 458 6.53 17.58 7.83
C SER A 458 7.89 17.83 7.17
N PRO A 459 8.84 18.41 7.94
CA PRO A 459 10.12 18.80 7.38
C PRO A 459 10.92 17.59 6.92
N SER A 460 11.64 17.76 5.83
CA SER A 460 12.59 16.74 5.40
C SER A 460 13.64 16.54 6.49
N PRO A 461 13.97 15.28 6.81
CA PRO A 461 15.10 15.00 7.73
C PRO A 461 16.47 15.27 7.10
N GLU A 462 16.55 15.17 5.76
CA GLU A 462 17.78 15.51 5.00
C GLU A 462 18.01 17.02 4.77
N PHE A 463 16.98 17.76 4.33
CA PHE A 463 17.21 19.09 3.77
C PHE A 463 16.38 20.19 4.38
N SER A 464 17.05 21.28 4.72
CA SER A 464 16.39 22.46 5.21
C SER A 464 15.44 23.04 4.16
N GLY A 465 14.23 23.37 4.61
CA GLY A 465 13.25 24.09 3.79
C GLY A 465 12.59 23.22 2.72
N MET A 466 12.71 21.92 2.87
CA MET A 466 12.08 20.93 1.96
C MET A 466 11.15 20.03 2.77
N PRO A 467 10.09 19.50 2.13
CA PRO A 467 9.20 18.55 2.83
C PRO A 467 9.66 17.11 2.74
N ARG A 468 9.22 16.28 3.69
CA ARG A 468 9.44 14.85 3.66
C ARG A 468 8.67 14.20 2.49
N ILE A 469 9.36 13.38 1.70
CA ILE A 469 8.71 12.50 0.75
C ILE A 469 9.28 11.10 0.96
N SER A 470 8.41 10.11 1.18
CA SER A 470 8.80 8.77 1.55
C SER A 470 8.96 7.92 0.31
N LYS A 471 9.57 6.77 0.55
N LYS A 471 9.74 6.86 0.42
CA LYS A 471 9.74 5.70 -0.43
CA LYS A 471 9.78 5.92 -0.70
C LYS A 471 8.43 4.96 -0.60
C LYS A 471 8.41 5.27 -0.75
N LEU A 472 8.18 4.51 -1.81
CA LEU A 472 7.00 3.68 -2.01
C LEU A 472 7.29 2.35 -1.38
N GLY A 473 6.39 1.86 -0.52
CA GLY A 473 6.48 0.41 -0.25
C GLY A 473 5.46 -0.40 -1.03
N SER A 474 4.56 -1.05 -0.29
CA SER A 474 3.45 -1.72 -0.96
C SER A 474 2.20 -1.65 -0.06
N GLY A 475 1.28 -2.61 -0.22
CA GLY A 475 -0.02 -2.51 0.51
C GLY A 475 -1.03 -1.67 -0.27
N ASN A 476 -0.75 -1.38 -1.55
CA ASN A 476 -1.72 -0.63 -2.41
C ASN A 476 -1.48 -0.88 -3.88
N ASP A 477 -2.38 -0.39 -4.73
CA ASP A 477 -2.50 -0.81 -6.13
C ASP A 477 -1.38 -0.33 -7.04
N PHE A 478 -0.53 0.59 -6.58
CA PHE A 478 0.67 0.92 -7.37
C PHE A 478 1.70 -0.22 -7.41
N GLU A 479 1.57 -1.26 -6.55
CA GLU A 479 2.67 -2.24 -6.44
C GLU A 479 3.03 -2.87 -7.77
N VAL A 480 2.04 -3.39 -8.50
CA VAL A 480 2.40 -4.08 -9.75
C VAL A 480 3.05 -3.11 -10.75
N PHE A 481 2.53 -1.87 -10.79
CA PHE A 481 3.11 -0.91 -11.74
C PHE A 481 4.53 -0.54 -11.44
N PHE A 482 4.83 -0.34 -10.15
CA PHE A 482 6.15 0.16 -9.73
C PHE A 482 7.16 -0.97 -9.49
N GLN A 483 6.84 -1.88 -8.56
CA GLN A 483 7.83 -2.91 -8.20
C GLN A 483 7.94 -4.07 -9.22
N ARG A 484 6.86 -4.38 -9.95
CA ARG A 484 6.98 -5.42 -10.98
C ARG A 484 7.34 -4.86 -12.34
N LEU A 485 6.63 -3.81 -12.76
CA LEU A 485 6.82 -3.33 -14.13
C LEU A 485 7.82 -2.17 -14.29
N GLY A 486 8.10 -1.46 -13.22
CA GLY A 486 9.06 -0.34 -13.26
C GLY A 486 8.53 0.91 -13.96
N ILE A 487 7.25 1.21 -13.68
CA ILE A 487 6.64 2.48 -14.16
C ILE A 487 6.67 3.48 -13.01
N ALA A 488 7.21 4.68 -13.31
CA ALA A 488 7.30 5.73 -12.28
C ALA A 488 5.95 5.92 -11.62
N SER A 489 5.92 5.87 -10.27
CA SER A 489 4.65 5.88 -9.53
C SER A 489 4.70 6.88 -8.37
N GLY A 490 3.51 7.35 -8.00
CA GLY A 490 3.42 8.26 -6.82
C GLY A 490 2.03 8.19 -6.18
N ARG A 491 1.98 8.72 -4.96
CA ARG A 491 0.70 8.79 -4.22
C ARG A 491 0.78 9.99 -3.28
N ALA A 492 -0.39 10.52 -2.96
CA ALA A 492 -0.50 11.69 -2.08
C ALA A 492 -1.81 11.61 -1.36
N ARG A 493 -1.78 11.92 -0.07
CA ARG A 493 -3.02 11.94 0.74
C ARG A 493 -2.82 12.87 1.92
N TYR A 494 -3.91 13.28 2.53
CA TYR A 494 -3.80 13.96 3.82
C TYR A 494 -3.70 12.96 4.97
N THR A 495 -2.93 13.31 6.00
CA THR A 495 -2.64 12.32 7.06
C THR A 495 -2.67 13.01 8.43
N LYS A 496 -2.56 12.18 9.47
CA LYS A 496 -2.42 12.60 10.87
C LYS A 496 -0.99 13.04 11.23
N ASN A 497 -0.82 13.62 12.42
CA ASN A 497 0.52 13.96 12.94
C ASN A 497 1.44 12.74 13.18
N ASN A 501 2.96 5.81 14.38
CA ASN A 501 1.72 5.16 13.94
C ASN A 501 1.49 5.21 12.43
N LYS A 502 2.53 5.60 11.68
CA LYS A 502 2.40 5.79 10.22
C LYS A 502 1.97 4.51 9.44
N PHE A 503 2.31 3.33 9.96
CA PHE A 503 1.86 2.09 9.31
C PHE A 503 0.70 1.43 10.06
N SER A 504 0.20 2.10 11.10
CA SER A 504 -0.84 1.48 11.92
C SER A 504 -2.28 1.70 11.43
N GLY A 505 -2.49 2.75 10.63
CA GLY A 505 -3.84 3.19 10.28
C GLY A 505 -4.47 4.05 11.38
N TYR A 506 -5.56 4.71 11.01
CA TYR A 506 -6.35 5.60 11.86
C TYR A 506 -7.29 4.69 12.66
N PRO A 507 -7.94 5.22 13.71
CA PRO A 507 -8.61 4.30 14.65
C PRO A 507 -9.69 3.41 14.03
N LEU A 508 -10.46 3.97 13.09
CA LEU A 508 -11.63 3.23 12.53
C LEU A 508 -11.34 2.47 11.24
N TYR A 509 -10.06 2.35 10.93
CA TYR A 509 -9.60 1.60 9.74
C TYR A 509 -10.20 0.21 9.63
N HIS A 510 -10.89 -0.06 8.54
CA HIS A 510 -11.43 -1.40 8.19
C HIS A 510 -12.52 -1.90 9.15
N SER A 511 -13.09 -0.95 9.88
CA SER A 511 -14.21 -1.20 10.80
C SER A 511 -15.57 -0.73 10.14
N VAL A 512 -16.66 -1.30 10.63
CA VAL A 512 -18.01 -0.91 10.19
C VAL A 512 -18.24 0.60 10.47
N TYR A 513 -17.42 1.18 11.35
CA TYR A 513 -17.66 2.58 11.73
C TYR A 513 -17.09 3.58 10.71
N GLU A 514 -16.35 3.09 9.72
CA GLU A 514 -15.80 3.98 8.69
C GLU A 514 -16.92 4.36 7.71
N THR A 515 -17.61 5.45 8.00
CA THR A 515 -18.82 5.81 7.27
C THR A 515 -18.70 7.20 6.66
N TYR A 516 -19.69 7.56 5.85
CA TYR A 516 -19.82 8.92 5.38
C TYR A 516 -19.84 9.92 6.56
N GLU A 517 -20.59 9.59 7.61
CA GLU A 517 -20.70 10.51 8.76
C GLU A 517 -19.39 10.73 9.48
N LEU A 518 -18.57 9.69 9.54
CA LEU A 518 -17.23 9.82 10.13
C LEU A 518 -16.48 10.92 9.43
N VAL A 519 -16.51 10.90 8.10
CA VAL A 519 -15.75 11.90 7.31
C VAL A 519 -16.38 13.29 7.44
N GLU A 520 -17.69 13.36 7.22
CA GLU A 520 -18.40 14.64 7.17
C GLU A 520 -18.41 15.34 8.52
N LYS A 521 -18.52 14.57 9.59
CA LYS A 521 -18.56 15.17 10.94
C LYS A 521 -17.16 15.46 11.53
N PHE A 522 -16.22 14.54 11.35
CA PHE A 522 -15.00 14.55 12.15
C PHE A 522 -13.71 14.77 11.37
N TYR A 523 -13.70 14.47 10.07
CA TYR A 523 -12.45 14.60 9.31
C TYR A 523 -12.41 15.84 8.44
N ASP A 524 -13.47 16.07 7.68
CA ASP A 524 -13.37 17.09 6.62
C ASP A 524 -14.73 17.67 6.28
N PRO A 525 -15.34 18.39 7.23
CA PRO A 525 -16.71 18.84 6.97
C PRO A 525 -16.89 19.76 5.77
N MET A 526 -15.87 20.56 5.44
N MET A 526 -15.86 20.55 5.43
CA MET A 526 -15.91 21.49 4.30
CA MET A 526 -15.91 21.47 4.28
C MET A 526 -15.28 20.87 3.04
C MET A 526 -15.49 20.77 2.98
N PHE A 527 -14.90 19.59 3.12
CA PHE A 527 -14.30 18.86 1.98
C PHE A 527 -13.12 19.60 1.33
N LYS A 528 -12.50 20.47 2.13
CA LYS A 528 -11.35 21.24 1.64
C LYS A 528 -10.09 20.37 1.59
N TYR A 529 -9.94 19.42 2.51
CA TYR A 529 -8.78 18.52 2.43
C TYR A 529 -8.90 17.57 1.22
N HIS A 530 -10.11 17.06 0.99
CA HIS A 530 -10.41 16.26 -0.20
C HIS A 530 -10.09 17.08 -1.47
N LEU A 531 -10.51 18.35 -1.48
CA LEU A 531 -10.30 19.19 -2.68
C LEU A 531 -8.80 19.38 -2.91
N THR A 532 -8.04 19.66 -1.84
CA THR A 532 -6.57 19.80 -1.95
C THR A 532 -5.93 18.53 -2.49
N VAL A 533 -6.32 17.36 -1.97
CA VAL A 533 -5.82 16.12 -2.53
C VAL A 533 -6.20 15.92 -4.00
N ALA A 534 -7.42 16.31 -4.38
CA ALA A 534 -7.83 16.25 -5.80
C ALA A 534 -6.94 17.13 -6.67
N GLN A 535 -6.61 18.31 -6.17
CA GLN A 535 -5.70 19.22 -6.89
C GLN A 535 -4.28 18.63 -7.03
N VAL A 536 -3.78 17.98 -5.99
CA VAL A 536 -2.44 17.36 -6.04
C VAL A 536 -2.47 16.17 -7.01
N ARG A 537 -3.40 15.24 -6.82
CA ARG A 537 -3.42 14.04 -7.70
C ARG A 537 -3.73 14.46 -9.14
N GLY A 538 -4.79 15.24 -9.28
CA GLY A 538 -5.18 15.73 -10.58
C GLY A 538 -4.12 16.59 -11.28
N GLY A 539 -3.51 17.50 -10.53
CA GLY A 539 -2.43 18.34 -11.09
C GLY A 539 -1.24 17.50 -11.56
N MET A 540 -0.89 16.47 -10.77
CA MET A 540 0.19 15.56 -11.20
C MET A 540 -0.14 14.85 -12.51
N VAL A 541 -1.34 14.29 -12.60
CA VAL A 541 -1.79 13.62 -13.84
C VAL A 541 -1.80 14.62 -15.00
N PHE A 542 -2.32 15.83 -14.76
CA PHE A 542 -2.35 16.85 -15.80
C PHE A 542 -0.94 17.11 -16.32
N GLU A 543 0.03 17.33 -15.42
CA GLU A 543 1.39 17.67 -15.86
C GLU A 543 2.05 16.51 -16.58
N LEU A 544 1.83 15.30 -16.05
CA LEU A 544 2.43 14.11 -16.66
C LEU A 544 1.84 13.87 -18.06
N ALA A 545 0.55 14.17 -18.25
CA ALA A 545 -0.12 13.88 -19.51
C ALA A 545 0.05 15.03 -20.50
N ASN A 546 0.42 16.22 -20.02
CA ASN A 546 0.42 17.44 -20.90
C ASN A 546 1.73 18.15 -21.14
N SER A 547 2.68 17.99 -20.23
CA SER A 547 3.96 18.69 -20.36
C SER A 547 4.67 18.18 -21.61
N ILE A 548 5.28 19.10 -22.35
CA ILE A 548 6.00 18.66 -23.57
C ILE A 548 7.12 17.70 -23.26
N VAL A 549 7.95 18.13 -22.33
CA VAL A 549 9.01 17.26 -21.79
C VAL A 549 8.42 16.61 -20.54
N LEU A 550 8.56 15.31 -20.41
CA LEU A 550 8.04 14.64 -19.21
C LEU A 550 8.65 15.30 -17.98
N PRO A 551 7.83 15.52 -16.92
CA PRO A 551 8.26 16.29 -15.75
C PRO A 551 8.98 15.40 -14.71
N PHE A 552 10.07 14.78 -15.16
CA PHE A 552 10.90 13.87 -14.35
C PHE A 552 12.29 14.48 -14.26
N ASP A 553 12.89 14.50 -13.08
CA ASP A 553 14.27 15.01 -12.98
C ASP A 553 15.17 13.86 -12.56
N CYS A 554 15.91 13.29 -13.53
N CYS A 554 15.96 13.34 -13.50
CA CYS A 554 16.82 12.20 -13.22
CA CYS A 554 16.86 12.22 -13.24
C CYS A 554 17.86 12.54 -12.15
C CYS A 554 18.00 12.53 -12.27
N ARG A 555 18.25 13.81 -11.99
CA ARG A 555 19.26 14.18 -10.99
C ARG A 555 18.79 13.86 -9.55
N ASP A 556 17.47 13.89 -9.34
CA ASP A 556 16.90 13.59 -8.02
C ASP A 556 17.13 12.08 -7.70
N TYR A 557 17.13 11.24 -8.73
CA TYR A 557 17.43 9.82 -8.48
C TYR A 557 18.90 9.71 -8.08
N ALA A 558 19.79 10.49 -8.72
CA ALA A 558 21.23 10.41 -8.38
C ALA A 558 21.47 10.74 -6.89
N VAL A 559 20.80 11.79 -6.40
CA VAL A 559 20.92 12.17 -5.01
C VAL A 559 20.52 11.04 -4.05
N VAL A 560 19.34 10.47 -4.29
CA VAL A 560 18.86 9.41 -3.38
C VAL A 560 19.69 8.13 -3.48
N LEU A 561 20.17 7.81 -4.67
CA LEU A 561 21.01 6.60 -4.82
C LEU A 561 22.25 6.71 -3.97
N ARG A 562 22.81 7.92 -3.84
CA ARG A 562 23.99 8.08 -2.98
C ARG A 562 23.61 7.90 -1.52
N LYS A 563 22.50 8.52 -1.10
CA LYS A 563 21.97 8.32 0.24
C LYS A 563 21.77 6.81 0.56
N TYR A 564 21.14 6.08 -0.36
CA TYR A 564 20.89 4.65 -0.14
C TYR A 564 22.19 3.86 -0.16
N ALA A 565 23.16 4.23 -1.00
CA ALA A 565 24.46 3.54 -0.97
C ALA A 565 25.18 3.75 0.39
N ASP A 566 25.21 5.00 0.85
CA ASP A 566 25.76 5.31 2.18
C ASP A 566 25.08 4.46 3.28
N LYS A 567 23.76 4.33 3.19
CA LYS A 567 23.01 3.64 4.23
C LYS A 567 23.35 2.15 4.25
N ILE A 568 23.33 1.54 3.08
CA ILE A 568 23.59 0.08 3.02
C ILE A 568 25.07 -0.21 3.37
N TYR A 569 26.01 0.66 2.95
CA TYR A 569 27.40 0.49 3.34
C TYR A 569 27.50 0.56 4.89
N SER A 570 26.78 1.51 5.49
CA SER A 570 26.83 1.67 6.95
C SER A 570 26.31 0.45 7.72
N ILE A 571 25.29 -0.23 7.17
CA ILE A 571 24.78 -1.48 7.75
C ILE A 571 25.87 -2.54 7.68
N SER A 572 26.50 -2.68 6.51
CA SER A 572 27.55 -3.67 6.35
C SER A 572 28.70 -3.44 7.29
N MET A 573 29.04 -2.17 7.48
CA MET A 573 30.22 -1.79 8.29
C MET A 573 30.06 -2.00 9.79
N LYS A 574 28.88 -2.45 10.21
CA LYS A 574 28.70 -3.02 11.56
C LYS A 574 29.49 -4.33 11.75
N HIS A 575 29.98 -4.91 10.64
CA HIS A 575 30.68 -6.22 10.59
C HIS A 575 32.07 -6.08 9.93
N PRO A 576 32.95 -5.25 10.51
CA PRO A 576 34.22 -4.99 9.80
C PRO A 576 35.09 -6.22 9.64
N GLN A 577 35.15 -7.09 10.66
CA GLN A 577 36.01 -8.27 10.53
C GLN A 577 35.57 -9.13 9.36
N GLU A 578 34.25 -9.31 9.21
CA GLU A 578 33.77 -10.13 8.11
C GLU A 578 34.00 -9.48 6.74
N MET A 579 33.88 -8.16 6.67
CA MET A 579 34.14 -7.49 5.39
C MET A 579 35.61 -7.66 5.02
N LYS A 580 36.51 -7.70 6.01
CA LYS A 580 37.95 -7.92 5.75
C LYS A 580 38.18 -9.35 5.25
N THR A 581 37.65 -10.30 6.01
CA THR A 581 37.78 -11.75 5.71
C THR A 581 37.30 -12.15 4.32
N TYR A 582 36.12 -11.68 3.95
CA TYR A 582 35.47 -12.09 2.71
C TYR A 582 35.63 -11.03 1.62
N SER A 583 36.48 -10.02 1.88
CA SER A 583 36.80 -9.02 0.87
C SER A 583 35.52 -8.38 0.32
N VAL A 584 34.71 -7.85 1.23
CA VAL A 584 33.38 -7.35 0.83
C VAL A 584 33.56 -5.85 0.54
N SER A 585 33.50 -5.47 -0.74
CA SER A 585 33.71 -4.09 -1.13
C SER A 585 32.47 -3.49 -1.74
N PHE A 586 32.17 -2.26 -1.33
CA PHE A 586 31.08 -1.51 -1.98
C PHE A 586 31.59 -0.58 -3.07
N ASP A 587 32.88 -0.69 -3.41
CA ASP A 587 33.46 0.22 -4.42
C ASP A 587 32.68 0.25 -5.72
N SER A 588 32.25 -0.92 -6.21
CA SER A 588 31.52 -0.95 -7.48
C SER A 588 30.22 -0.20 -7.38
N LEU A 589 29.53 -0.30 -6.25
CA LEU A 589 28.24 0.36 -6.15
C LEU A 589 28.45 1.89 -6.07
N PHE A 590 29.43 2.33 -5.30
CA PHE A 590 29.70 3.77 -5.28
C PHE A 590 30.14 4.31 -6.64
N SER A 591 30.93 3.53 -7.38
CA SER A 591 31.36 3.91 -8.72
C SER A 591 30.16 4.05 -9.67
N ALA A 592 29.24 3.08 -9.62
CA ALA A 592 28.00 3.15 -10.41
C ALA A 592 27.19 4.40 -10.08
N VAL A 593 27.08 4.70 -8.79
CA VAL A 593 26.28 5.88 -8.34
C VAL A 593 26.97 7.17 -8.81
N LYS A 594 28.28 7.25 -8.68
CA LYS A 594 29.05 8.40 -9.20
C LYS A 594 28.82 8.56 -10.70
N ASN A 595 28.84 7.44 -11.43
CA ASN A 595 28.63 7.49 -12.88
C ASN A 595 27.21 7.94 -13.21
N PHE A 596 26.21 7.44 -12.47
CA PHE A 596 24.83 7.80 -12.69
C PHE A 596 24.71 9.34 -12.47
N THR A 597 25.37 9.84 -11.43
CA THR A 597 25.32 11.29 -11.10
C THR A 597 25.88 12.11 -12.27
N GLU A 598 27.02 11.68 -12.79
CA GLU A 598 27.68 12.38 -13.92
C GLU A 598 26.82 12.39 -15.19
N ILE A 599 26.32 11.20 -15.56
CA ILE A 599 25.58 11.01 -16.81
C ILE A 599 24.24 11.72 -16.71
N ALA A 600 23.62 11.67 -15.55
CA ALA A 600 22.32 12.36 -15.34
C ALA A 600 22.50 13.88 -15.48
N SER A 601 23.60 14.39 -14.92
CA SER A 601 23.87 15.84 -15.03
C SER A 601 24.02 16.21 -16.49
N LYS A 602 24.76 15.40 -17.27
CA LYS A 602 24.95 15.68 -18.71
C LYS A 602 23.62 15.54 -19.50
N PHE A 603 22.82 14.52 -19.18
CA PHE A 603 21.52 14.37 -19.82
C PHE A 603 20.63 15.59 -19.53
N SER A 604 20.63 16.05 -18.28
CA SER A 604 19.84 17.22 -17.92
C SER A 604 20.23 18.45 -18.75
N GLU A 605 21.53 18.63 -18.96
CA GLU A 605 22.02 19.73 -19.82
C GLU A 605 21.47 19.60 -21.24
N ARG A 606 21.52 18.38 -21.83
CA ARG A 606 20.98 18.21 -23.17
C ARG A 606 19.50 18.44 -23.19
N LEU A 607 18.81 18.04 -22.13
CA LEU A 607 17.35 18.17 -22.07
C LEU A 607 16.95 19.65 -22.08
N GLN A 608 17.80 20.46 -21.48
N GLN A 608 17.82 20.48 -21.49
CA GLN A 608 17.56 21.89 -21.51
CA GLN A 608 17.64 21.95 -21.44
C GLN A 608 17.90 22.50 -22.85
C GLN A 608 18.18 22.67 -22.67
N ASP A 609 18.93 21.95 -23.50
CA ASP A 609 19.60 22.53 -24.68
C ASP A 609 19.14 22.09 -26.09
N PHE A 610 18.13 21.22 -26.25
CA PHE A 610 17.58 20.88 -27.61
C PHE A 610 16.29 21.69 -27.98
N SER A 613 12.77 22.57 -31.51
N SER A 613 10.33 21.38 -31.02
CA SER A 613 11.89 22.23 -32.61
CA SER A 613 9.41 21.27 -32.17
C SER A 613 11.90 20.76 -33.09
C SER A 613 9.86 20.21 -33.25
N ASN A 614 12.79 19.92 -32.57
N ASN A 614 10.93 19.48 -32.96
CA ASN A 614 12.93 18.55 -33.10
CA ASN A 614 11.32 18.34 -33.78
C ASN A 614 12.14 17.51 -32.30
C ASN A 614 10.69 17.07 -33.17
N PRO A 615 11.02 17.01 -32.87
N PRO A 615 9.57 16.58 -33.76
CA PRO A 615 10.17 16.14 -32.05
CA PRO A 615 8.86 15.42 -33.15
C PRO A 615 10.77 14.77 -31.83
C PRO A 615 9.69 14.16 -32.80
N ILE A 616 11.67 14.35 -32.71
N ILE A 616 10.60 13.72 -33.65
CA ILE A 616 12.35 13.05 -32.54
CA ILE A 616 11.33 12.50 -33.30
C ILE A 616 13.36 13.11 -31.41
C ILE A 616 12.41 12.76 -32.27
N VAL A 617 14.13 14.19 -31.32
N VAL A 617 13.07 13.91 -32.36
CA VAL A 617 15.05 14.30 -30.20
CA VAL A 617 14.06 14.22 -31.31
C VAL A 617 14.25 14.43 -28.90
C VAL A 617 13.38 14.32 -29.92
N LEU A 618 13.13 15.14 -28.97
N LEU A 618 12.23 14.98 -29.84
CA LEU A 618 12.24 15.34 -27.82
CA LEU A 618 11.50 15.05 -28.57
C LEU A 618 11.75 13.97 -27.35
C LEU A 618 11.02 13.66 -28.17
N ARG A 619 11.21 13.19 -28.29
N ARG A 619 10.65 12.86 -29.13
CA ARG A 619 10.58 11.93 -27.97
CA ARG A 619 10.30 11.47 -28.79
C ARG A 619 11.64 10.93 -27.61
C ARG A 619 11.44 10.67 -28.07
N MET A 620 12.72 10.90 -28.41
CA MET A 620 13.90 10.14 -27.92
C MET A 620 14.24 10.51 -26.45
N MET A 621 14.24 11.83 -26.13
CA MET A 621 14.56 12.23 -24.78
C MET A 621 13.42 11.87 -23.79
N ASN A 622 12.17 12.03 -24.23
CA ASN A 622 11.01 11.59 -23.40
C ASN A 622 11.08 10.06 -23.17
N ASP A 623 11.49 9.30 -24.18
CA ASP A 623 11.61 7.83 -24.04
C ASP A 623 12.71 7.53 -23.02
N GLN A 624 13.81 8.28 -23.04
CA GLN A 624 14.87 8.10 -22.06
C GLN A 624 14.34 8.38 -20.68
N LEU A 625 13.55 9.45 -20.54
CA LEU A 625 12.93 9.71 -19.22
C LEU A 625 11.95 8.64 -18.77
N MET A 626 11.13 8.17 -19.70
CA MET A 626 10.09 7.18 -19.38
C MET A 626 10.73 5.82 -19.01
N PHE A 627 11.77 5.44 -19.74
CA PHE A 627 12.41 4.11 -19.53
C PHE A 627 13.49 4.11 -18.43
N LEU A 628 13.69 5.27 -17.78
CA LEU A 628 14.67 5.31 -16.72
C LEU A 628 14.19 4.54 -15.50
N GLU A 629 12.93 4.74 -15.06
CA GLU A 629 12.43 3.89 -13.96
C GLU A 629 12.47 2.43 -14.43
N ARG A 630 12.16 2.19 -15.69
CA ARG A 630 12.13 0.80 -16.20
C ARG A 630 13.49 0.14 -16.11
N ALA A 631 14.55 0.94 -16.21
CA ALA A 631 15.90 0.37 -16.21
C ALA A 631 16.28 -0.22 -14.86
N PHE A 632 15.57 0.12 -13.78
CA PHE A 632 15.91 -0.47 -12.47
C PHE A 632 15.30 -1.83 -12.29
N ILE A 633 14.53 -2.30 -13.25
CA ILE A 633 13.96 -3.65 -13.21
C ILE A 633 14.99 -4.73 -13.56
N ASP A 634 15.07 -5.78 -12.72
CA ASP A 634 15.87 -6.97 -13.05
C ASP A 634 14.90 -8.07 -13.45
N PRO A 635 15.00 -8.59 -14.68
CA PRO A 635 14.04 -9.57 -15.17
C PRO A 635 14.12 -10.87 -14.36
N LEU A 636 15.17 -11.05 -13.54
CA LEU A 636 15.23 -12.28 -12.73
C LEU A 636 14.58 -12.10 -11.34
N GLY A 637 14.17 -10.87 -11.02
CA GLY A 637 13.50 -10.56 -9.76
C GLY A 637 14.45 -10.64 -8.58
N LEU A 638 13.93 -10.38 -7.38
CA LEU A 638 14.72 -10.50 -6.18
C LEU A 638 14.65 -11.93 -5.66
N PRO A 639 15.60 -12.34 -4.79
CA PRO A 639 15.62 -13.73 -4.31
C PRO A 639 14.31 -14.21 -3.71
N ASP A 640 13.77 -15.28 -4.29
CA ASP A 640 12.50 -15.89 -3.89
C ASP A 640 11.29 -14.97 -3.95
N ARG A 641 11.44 -13.82 -4.61
CA ARG A 641 10.31 -12.88 -4.80
C ARG A 641 10.34 -12.41 -6.26
N PRO A 642 9.92 -13.29 -7.17
CA PRO A 642 10.08 -13.02 -8.61
C PRO A 642 9.27 -11.85 -9.12
N PHE A 643 8.22 -11.46 -8.40
CA PHE A 643 7.41 -10.30 -8.80
C PHE A 643 7.84 -8.99 -8.21
N TYR A 644 8.87 -9.02 -7.38
CA TYR A 644 9.47 -7.74 -6.97
C TYR A 644 10.76 -7.64 -7.76
N ARG A 645 10.76 -6.82 -8.81
CA ARG A 645 11.86 -6.85 -9.78
C ARG A 645 12.69 -5.54 -9.71
N HIS A 646 12.23 -4.55 -8.95
CA HIS A 646 12.95 -3.26 -8.94
C HIS A 646 14.14 -3.45 -7.98
N VAL A 647 15.33 -3.03 -8.41
CA VAL A 647 16.54 -3.32 -7.64
C VAL A 647 16.78 -2.26 -6.56
N ILE A 648 16.21 -1.05 -6.77
CA ILE A 648 16.43 0.02 -5.80
C ILE A 648 15.42 -0.05 -4.66
N TYR A 649 14.18 -0.42 -4.98
CA TYR A 649 13.09 -0.44 -3.98
C TYR A 649 12.35 -1.74 -3.98
N ALA A 650 12.02 -2.28 -2.80
CA ALA A 650 11.02 -3.35 -2.73
C ALA A 650 10.30 -3.17 -1.43
N PRO A 651 9.11 -3.77 -1.28
CA PRO A 651 8.48 -3.74 0.03
C PRO A 651 9.35 -4.50 1.02
N SER A 652 9.46 -3.99 2.24
CA SER A 652 10.28 -4.63 3.25
C SER A 652 9.82 -6.05 3.46
N SER A 653 10.77 -6.98 3.57
CA SER A 653 10.46 -8.38 3.85
C SER A 653 9.85 -8.58 5.25
N HIS A 654 9.96 -7.58 6.10
CA HIS A 654 9.37 -7.60 7.45
C HIS A 654 8.12 -6.78 7.57
N ASN A 655 7.74 -6.03 6.52
CA ASN A 655 6.61 -5.09 6.64
C ASN A 655 6.26 -4.61 5.24
N LYS A 656 5.27 -5.26 4.61
CA LYS A 656 4.87 -4.95 3.23
C LYS A 656 4.57 -3.47 3.03
N TYR A 657 4.12 -2.77 4.07
CA TYR A 657 3.78 -1.35 3.93
C TYR A 657 4.99 -0.45 3.76
N ALA A 658 6.15 -0.86 4.27
CA ALA A 658 7.35 -0.01 4.26
C ALA A 658 8.17 -0.28 2.99
N GLY A 659 8.74 0.75 2.40
CA GLY A 659 9.72 0.47 1.33
C GLY A 659 11.08 0.23 1.92
N GLU A 660 11.89 -0.58 1.24
CA GLU A 660 13.28 -0.79 1.64
C GLU A 660 14.11 -0.42 0.42
N SER A 661 15.25 0.24 0.64
CA SER A 661 16.15 0.56 -0.46
C SER A 661 17.25 -0.49 -0.57
N PHE A 662 17.77 -0.68 -1.79
CA PHE A 662 18.75 -1.79 -2.08
C PHE A 662 18.31 -3.08 -1.35
N PRO A 663 17.06 -3.49 -1.59
CA PRO A 663 16.49 -4.59 -0.81
C PRO A 663 17.26 -5.90 -0.94
N GLY A 664 17.85 -6.15 -2.11
CA GLY A 664 18.60 -7.42 -2.26
C GLY A 664 19.79 -7.44 -1.30
N ILE A 665 20.50 -6.30 -1.21
CA ILE A 665 21.65 -6.25 -0.27
C ILE A 665 21.13 -6.22 1.17
N TYR A 666 20.08 -5.45 1.41
CA TYR A 666 19.55 -5.31 2.77
C TYR A 666 19.17 -6.69 3.33
N ASP A 667 18.38 -7.45 2.56
CA ASP A 667 18.01 -8.80 3.06
C ASP A 667 19.22 -9.76 3.16
N ALA A 668 20.21 -9.61 2.26
CA ALA A 668 21.43 -10.47 2.42
C ALA A 668 22.17 -10.17 3.76
N LEU A 669 22.12 -8.92 4.20
CA LEU A 669 22.80 -8.51 5.44
C LEU A 669 21.97 -8.70 6.72
N PHE A 670 20.66 -8.79 6.57
CA PHE A 670 19.77 -8.84 7.74
C PHE A 670 20.07 -10.07 8.61
N ASP A 671 20.37 -9.80 9.87
CA ASP A 671 20.60 -10.87 10.88
C ASP A 671 21.71 -11.80 10.40
N ILE A 672 22.71 -11.27 9.69
CA ILE A 672 23.72 -12.11 9.06
C ILE A 672 24.59 -12.80 10.10
N GLU A 673 24.75 -12.15 11.26
CA GLU A 673 25.56 -12.72 12.37
C GLU A 673 24.97 -14.02 12.92
N SER A 674 23.74 -14.34 12.54
CA SER A 674 23.07 -15.59 12.97
C SER A 674 23.21 -16.74 12.01
N LYS A 675 23.70 -16.48 10.78
CA LYS A 675 23.78 -17.51 9.75
C LYS A 675 24.90 -18.49 10.07
N VAL A 676 24.66 -19.78 9.87
N VAL A 676 24.62 -19.76 9.84
CA VAL A 676 25.66 -20.77 10.32
CA VAL A 676 25.56 -20.82 10.24
C VAL A 676 26.79 -21.03 9.30
C VAL A 676 26.83 -20.81 9.38
N ASP A 677 26.66 -20.49 8.10
CA ASP A 677 27.75 -20.55 7.11
C ASP A 677 28.09 -19.11 6.69
N PRO A 678 28.96 -18.42 7.45
CA PRO A 678 29.21 -17.02 7.14
C PRO A 678 29.83 -16.80 5.76
N SER A 679 30.60 -17.78 5.29
CA SER A 679 31.23 -17.66 3.97
C SER A 679 30.15 -17.59 2.91
N LYS A 680 29.16 -18.47 2.99
CA LYS A 680 28.07 -18.43 2.04
C LYS A 680 27.23 -17.15 2.19
N ALA A 681 26.97 -16.73 3.44
CA ALA A 681 26.12 -15.55 3.67
C ALA A 681 26.79 -14.29 3.09
N TRP A 682 28.09 -14.12 3.40
CA TRP A 682 28.81 -12.95 2.87
C TRP A 682 29.02 -13.02 1.35
N GLY A 683 29.15 -14.22 0.81
CA GLY A 683 29.17 -14.38 -0.68
C GLY A 683 27.91 -13.83 -1.31
N GLU A 684 26.77 -14.10 -0.68
CA GLU A 684 25.50 -13.62 -1.20
C GLU A 684 25.39 -12.11 -1.04
N VAL A 685 25.95 -11.56 0.06
CA VAL A 685 26.04 -10.09 0.14
C VAL A 685 26.81 -9.52 -1.06
N LYS A 686 27.98 -10.11 -1.35
CA LYS A 686 28.78 -9.65 -2.51
C LYS A 686 28.03 -9.82 -3.82
N ARG A 687 27.30 -10.92 -3.95
CA ARG A 687 26.52 -11.08 -5.18
C ARG A 687 25.50 -9.95 -5.33
N GLN A 688 24.84 -9.61 -4.23
CA GLN A 688 23.84 -8.51 -4.28
C GLN A 688 24.45 -7.14 -4.55
N ILE A 689 25.66 -6.92 -4.04
CA ILE A 689 26.36 -5.66 -4.36
C ILE A 689 26.62 -5.58 -5.87
N TYR A 690 27.08 -6.68 -6.46
CA TYR A 690 27.32 -6.73 -7.92
C TYR A 690 26.02 -6.50 -8.68
N VAL A 691 24.94 -7.15 -8.28
CA VAL A 691 23.66 -6.94 -9.03
C VAL A 691 23.23 -5.48 -8.94
N ALA A 692 23.38 -4.90 -7.74
CA ALA A 692 22.96 -3.49 -7.58
C ALA A 692 23.87 -2.54 -8.34
N ALA A 693 25.18 -2.76 -8.24
CA ALA A 693 26.13 -1.87 -8.98
C ALA A 693 25.88 -1.97 -10.48
N PHE A 694 25.74 -3.20 -10.99
CA PHE A 694 25.45 -3.35 -12.41
C PHE A 694 24.14 -2.64 -12.83
N THR A 695 23.09 -2.79 -12.05
CA THR A 695 21.76 -2.24 -12.43
C THR A 695 21.84 -0.71 -12.43
N VAL A 696 22.51 -0.14 -11.42
CA VAL A 696 22.66 1.34 -11.37
C VAL A 696 23.43 1.83 -12.58
N GLN A 697 24.53 1.16 -12.92
CA GLN A 697 25.32 1.55 -14.11
C GLN A 697 24.49 1.39 -15.38
N ALA A 698 23.76 0.27 -15.48
CA ALA A 698 22.96 0.02 -16.70
C ALA A 698 21.87 1.11 -16.82
N ALA A 699 21.27 1.52 -15.69
CA ALA A 699 20.23 2.57 -15.73
C ALA A 699 20.89 3.88 -16.14
N ALA A 700 22.07 4.15 -15.60
CA ALA A 700 22.82 5.36 -15.98
C ALA A 700 23.02 5.39 -17.51
N GLU A 701 23.43 4.24 -18.06
CA GLU A 701 23.77 4.22 -19.47
C GLU A 701 22.57 4.44 -20.39
N THR A 702 21.34 4.23 -19.88
CA THR A 702 20.16 4.57 -20.70
C THR A 702 20.02 6.07 -20.91
N LEU A 703 20.72 6.87 -20.09
CA LEU A 703 20.71 8.33 -20.22
C LEU A 703 21.88 8.87 -21.05
N SER A 704 22.88 8.02 -21.36
CA SER A 704 23.97 8.44 -22.25
C SER A 704 23.42 8.81 -23.63
N GLU A 705 24.20 9.52 -24.41
CA GLU A 705 23.85 9.73 -25.84
C GLU A 705 23.61 8.33 -26.49
N VAL A 706 22.55 8.24 -27.28
CA VAL A 706 22.08 6.94 -27.76
C VAL A 706 22.96 6.29 -28.83
N ALA A 707 23.84 7.08 -29.44
CA ALA A 707 24.70 6.60 -30.53
C ALA A 707 25.64 7.72 -30.89
C1 NAG B . -25.75 7.34 -6.74
C2 NAG B . -27.15 6.90 -6.34
C3 NAG B . -27.82 6.13 -7.47
C4 NAG B . -27.75 6.90 -8.78
C5 NAG B . -26.34 7.42 -9.00
C6 NAG B . -26.27 8.28 -10.28
C7 NAG B . -27.38 6.43 -3.95
C8 NAG B . -27.28 5.38 -2.90
N2 NAG B . -27.10 6.02 -5.19
O3 NAG B . -29.18 5.95 -7.18
O4 NAG B . -28.13 5.99 -9.81
O5 NAG B . -25.87 8.16 -7.89
O6 NAG B . -27.02 9.45 -10.06
O7 NAG B . -27.65 7.61 -3.65
H2 NAG B . -27.66 7.70 -6.12
H3 NAG B . -27.33 5.30 -7.57
H4 NAG B . -28.35 7.66 -8.78
H5 NAG B . -25.75 6.65 -9.12
H61 NAG B . -26.63 7.78 -11.04
H62 NAG B . -25.35 8.49 -10.50
H81 NAG B . -27.50 5.76 -2.04
H82 NAG B . -26.38 5.02 -2.87
H83 NAG B . -27.91 4.66 -3.10
HN2 NAG B . -26.86 5.20 -5.31
HO3 NAG B . -29.64 6.03 -7.87
HO6 NAG B . -26.96 9.67 -9.26
C1 NAG B . -29.20 6.52 -10.64
C2 NAG B . -29.18 5.75 -11.97
C3 NAG B . -30.46 5.90 -12.81
C4 NAG B . -31.74 5.94 -11.97
C5 NAG B . -31.56 6.86 -10.74
C6 NAG B . -32.79 6.83 -9.81
C7 NAG B . -26.93 5.41 -12.94
C8 NAG B . -26.83 4.13 -12.19
N2 NAG B . -28.04 6.13 -12.79
O3 NAG B . -30.48 4.81 -13.72
O4 NAG B . -32.86 6.32 -12.77
O5 NAG B . -30.46 6.39 -9.99
O6 NAG B . -32.97 5.50 -9.37
O7 NAG B . -25.98 5.80 -13.67
H2 NAG B . -29.13 4.82 -11.70
H3 NAG B . -30.45 6.76 -13.27
H4 NAG B . -31.92 5.04 -11.65
H5 NAG B . -31.45 7.75 -11.07
H61 NAG B . -33.57 7.15 -10.27
H62 NAG B . -32.64 7.43 -9.05
H81 NAG B . -25.98 3.70 -12.39
H82 NAG B . -27.56 3.54 -12.46
H83 NAG B . -26.90 4.30 -11.24
HN2 NAG B . -28.09 6.89 -13.21
HO3 NAG B . -31.16 4.86 -14.20
HO4 NAG B . -33.57 6.07 -12.39
HO6 NAG B . -32.23 5.10 -9.39
C1 NAG C . -20.23 -19.83 23.56
C2 NAG C . -21.19 -20.00 24.74
C3 NAG C . -21.52 -21.48 24.91
C4 NAG C . -21.97 -22.16 23.60
C5 NAG C . -21.04 -21.76 22.41
C6 NAG C . -21.52 -22.23 21.04
C7 NAG C . -21.03 -18.38 26.59
C8 NAG C . -20.36 -17.99 27.86
N2 NAG C . -20.61 -19.50 25.99
O3 NAG C . -22.54 -21.59 25.89
O4 NAG C . -21.94 -23.55 23.84
O5 NAG C . -20.85 -20.37 22.39
O6 NAG C . -22.76 -21.66 20.67
O7 NAG C . -21.95 -17.71 26.14
H2 NAG C . -21.99 -19.49 24.56
H3 NAG C . -20.71 -21.95 25.18
H4 NAG C . -22.86 -21.85 23.36
H5 NAG C . -20.20 -22.24 22.57
H61 NAG C . -21.60 -23.19 21.03
H62 NAG C . -20.85 -22.01 20.37
H81 NAG C . -20.76 -17.18 28.20
H82 NAG C . -19.41 -17.84 27.70
H83 NAG C . -20.46 -18.69 28.52
HN2 NAG C . -19.96 -19.93 26.34
HO3 NAG C . -22.75 -22.39 25.99
HO6 NAG C . -22.98 -21.93 19.91
C1 NAG C . -23.11 -24.24 23.33
C2 NAG C . -22.70 -25.70 23.10
C3 NAG C . -23.89 -26.60 22.72
C4 NAG C . -25.14 -26.34 23.57
C5 NAG C . -25.41 -24.82 23.57
C6 NAG C . -26.74 -24.43 24.22
C7 NAG C . -20.38 -25.89 22.31
C8 NAG C . -19.49 -25.95 21.10
N2 NAG C . -21.68 -25.78 22.07
O3 NAG C . -23.52 -27.95 22.88
O4 NAG C . -26.22 -27.14 23.07
O5 NAG C . -24.29 -24.14 24.14
O6 NAG C . -26.50 -24.17 25.58
O7 NAG C . -19.86 -25.95 23.43
H2 NAG C . -22.35 -26.03 23.94
H3 NAG C . -24.11 -26.41 21.80
H4 NAG C . -25.02 -26.61 24.49
H5 NAG C . -25.51 -24.55 22.63
H61 NAG C . -27.38 -25.15 24.12
H62 NAG C . -27.10 -23.64 23.78
H81 NAG C . -18.56 -26.05 21.38
H82 NAG C . -19.60 -25.15 20.58
H83 NAG C . -19.74 -26.72 20.55
HN2 NAG C . -21.94 -25.73 21.25
HO3 NAG C . -24.20 -28.44 22.79
HO4 NAG C . -26.78 -27.27 23.70
HO6 NAG C . -25.71 -23.93 25.69
C1 NAG D . 10.33 22.91 -11.33
C2 NAG D . 10.66 22.27 -12.66
C3 NAG D . 12.07 22.67 -13.05
C4 NAG D . 12.21 24.21 -13.02
C5 NAG D . 11.81 24.76 -11.63
C6 NAG D . 11.85 26.32 -11.54
C7 NAG D . 9.85 20.05 -13.32
C8 NAG D . 9.19 20.72 -14.46
N2 NAG D . 10.56 20.81 -12.54
O3 NAG D . 12.30 22.16 -14.36
O4 NAG D . 13.58 24.49 -13.21
O5 NAG D . 10.46 24.35 -11.47
O6 NAG D . 11.03 26.80 -12.60
O7 NAG D . 9.79 18.78 -13.17
H2 NAG D . 10.04 22.58 -13.35
H3 NAG D . 12.72 22.30 -12.43
H4 NAG D . 11.64 24.61 -13.69
H5 NAG D . 12.42 24.43 -10.95
H61 NAG D . 12.76 26.65 -11.64
H62 NAG D . 11.52 26.63 -10.68
H81 NAG D . 8.68 20.07 -14.98
H82 NAG D . 9.85 21.13 -15.03
H83 NAG D . 8.58 21.40 -14.13
HN2 NAG D . 11.00 20.43 -11.91
HO3 NAG D . 12.64 22.76 -14.83
HO6 NAG D . 10.36 26.31 -12.68
C1 NAG D . 13.77 25.43 -14.27
C2 NAG D . 15.23 25.83 -14.17
C3 NAG D . 15.64 26.76 -15.30
C4 NAG D . 15.25 26.15 -16.67
C5 NAG D . 13.75 25.78 -16.65
C6 NAG D . 13.38 25.08 -17.95
C7 NAG D . 16.14 25.83 -11.87
C8 NAG D . 16.71 24.47 -12.09
N2 NAG D . 15.44 26.42 -12.85
O3 NAG D . 17.04 26.98 -15.20
O4 NAG D . 15.48 27.06 -17.73
O5 NAG D . 13.52 24.88 -15.55
O6 NAG D . 14.27 23.97 -18.13
O7 NAG D . 16.32 26.35 -10.78
H2 NAG D . 15.79 25.05 -14.24
H3 NAG D . 15.18 27.61 -15.24
H4 NAG D . 15.79 25.36 -16.81
H5 NAG D . 13.22 26.58 -16.56
H61 NAG D . 13.43 25.70 -18.70
H62 NAG D . 12.45 24.77 -17.92
H81 NAG D . 17.17 24.19 -11.29
H82 NAG D . 17.33 24.50 -12.83
H83 NAG D . 15.99 23.85 -12.28
HN2 NAG D . 15.11 27.20 -12.70
HO3 NAG D . 17.29 27.49 -15.82
HO4 NAG D . 15.66 26.64 -18.42
HO6 NAG D . 14.08 23.57 -18.85
C1 NAG E . 32.03 4.09 -14.02
C2 NAG E . 32.07 2.57 -14.21
C3 NAG E . 33.52 2.16 -14.52
C4 NAG E . 34.08 2.92 -15.74
C5 NAG E . 33.82 4.43 -15.59
C6 NAG E . 34.17 5.06 -16.94
C7 NAG E . 30.77 0.81 -13.08
C8 NAG E . 30.34 0.19 -11.78
N2 NAG E . 31.57 1.89 -13.02
O3 NAG E . 33.58 0.76 -14.72
O4 NAG E . 35.50 2.83 -15.84
O5 NAG E . 32.44 4.65 -15.30
O6 NAG E . 34.34 6.46 -16.76
O7 NAG E . 30.39 0.32 -14.14
H2 NAG E . 31.50 2.29 -14.95
H3 NAG E . 34.08 2.39 -13.77
H4 NAG E . 33.64 2.52 -16.50
H5 NAG E . 34.35 4.81 -14.87
H61 NAG E . 33.47 4.89 -17.59
H62 NAG E . 34.98 4.67 -17.29
H81 NAG E . 29.77 -0.58 -11.95
H82 NAG E . 29.85 0.85 -11.26
H83 NAG E . 31.12 -0.10 -11.28
HN2 NAG E . 31.80 2.20 -12.24
HO3 NAG E . 33.03 0.54 -15.32
HO6 NAG E . 34.52 6.81 -17.50
C1 NAG E . 35.86 1.58 -16.45
C2 NAG E . 36.93 1.76 -17.50
C3 NAG E . 37.49 0.41 -17.94
C4 NAG E . 37.96 -0.37 -16.70
C5 NAG E . 36.67 -0.49 -15.85
C6 NAG E . 36.72 -1.41 -14.64
C7 NAG E . 36.71 3.68 -18.99
C8 NAG E . 37.63 4.48 -18.10
N2 NAG E . 36.41 2.42 -18.68
O3 NAG E . 38.52 0.68 -18.87
O4 NAG E . 38.39 -1.69 -16.97
O5 NAG E . 36.35 0.81 -15.40
O6 NAG E . 37.72 -0.90 -13.80
O7 NAG E . 36.22 4.22 -19.98
H2 NAG E . 37.64 2.29 -17.10
H3 NAG E . 36.84 -0.17 -18.38
H4 NAG E . 38.70 0.09 -16.28
H5 NAG E . 36.02 -0.89 -16.43
H61 NAG E . 36.91 -2.32 -14.90
H62 NAG E . 35.87 -1.42 -14.18
H81 NAG E . 37.75 5.37 -18.47
H82 NAG E . 38.49 4.04 -18.06
H83 NAG E . 37.25 4.55 -17.22
HN2 NAG E . 35.88 1.98 -19.19
HO3 NAG E . 38.95 -0.02 -19.03
HO6 NAG E . 37.84 -0.08 -13.97
C1 BMA E . 39.77 -1.78 -17.32
C2 BMA E . 40.29 -3.12 -16.81
C3 BMA E . 41.71 -3.37 -17.30
C4 BMA E . 41.76 -3.23 -18.82
C5 BMA E . 41.14 -1.91 -19.27
C6 BMA E . 41.03 -1.76 -20.78
O2 BMA E . 39.41 -4.17 -17.29
O3 BMA E . 42.01 -4.70 -16.87
O4 BMA E . 43.09 -3.33 -19.26
O5 BMA E . 39.81 -1.79 -18.74
O6 BMA E . 40.44 -0.49 -21.05
H2 BMA E . 40.31 -3.11 -15.84
H3 BMA E . 42.35 -2.75 -16.93
H4 BMA E . 41.24 -3.95 -19.20
H5 BMA E . 41.73 -1.20 -18.94
H61 BMA E . 40.49 -2.47 -21.16
H62 BMA E . 41.91 -1.82 -21.18
HO2 BMA E . 38.65 -3.84 -17.47
HO4 BMA E . 43.11 -3.53 -20.08
HO6 BMA E . 40.38 -0.38 -21.87
C1 MAN E . 43.31 -4.82 -16.23
C2 MAN E . 43.72 -6.30 -16.25
C3 MAN E . 42.86 -7.10 -15.26
C4 MAN E . 42.84 -6.45 -13.87
C5 MAN E . 42.46 -4.97 -14.00
C6 MAN E . 42.37 -4.28 -12.64
O2 MAN E . 45.10 -6.37 -15.92
O3 MAN E . 43.32 -8.43 -15.08
O4 MAN E . 41.90 -7.14 -13.05
O5 MAN E . 43.35 -4.33 -14.89
O6 MAN E . 43.64 -4.28 -12.03
H2 MAN E . 43.57 -6.68 -17.13
H3 MAN E . 41.98 -7.11 -15.65
H4 MAN E . 43.72 -6.51 -13.47
H5 MAN E . 41.57 -4.92 -14.38
H61 MAN E . 41.72 -4.73 -12.08
H62 MAN E . 42.05 -3.36 -12.76
HO2 MAN E . 45.24 -7.08 -15.50
HO3 MAN E . 43.17 -8.67 -14.29
HO4 MAN E . 42.07 -6.99 -12.25
HO6 MAN E . 43.58 -3.89 -11.28
C1 NAG F . -21.40 -23.27 6.09
C2 NAG F . -21.02 -24.37 5.10
C3 NAG F . -22.05 -25.49 4.96
C4 NAG F . -22.80 -25.79 6.29
C5 NAG F . -23.15 -24.51 7.06
C6 NAG F . -23.91 -24.74 8.37
C7 NAG F . -19.66 -23.67 3.18
C8 NAG F . -18.49 -24.47 3.69
N2 NAG F . -20.81 -23.66 3.86
O3 NAG F . -21.35 -26.65 4.55
O4 NAG F . -23.97 -26.59 6.05
O5 NAG F . -21.94 -23.78 7.30
O6 NAG F . -23.16 -25.47 9.34
O7 NAG F . -19.54 -23.02 2.15
H2 NAG F . -20.23 -24.84 5.40
H3 NAG F . -22.74 -25.21 4.32
H4 NAG F . -22.19 -26.32 6.83
H5 NAG F . -23.76 -24.01 6.50
H61 NAG F . -24.73 -25.23 8.18
H62 NAG F . -24.17 -23.90 8.75
H81 NAG F . -17.74 -24.36 3.09
H82 NAG F . -18.74 -25.40 3.73
H83 NAG F . -18.24 -24.16 4.58
HN2 NAG F . -21.47 -23.21 3.53
HO3 NAG F . -21.88 -27.29 4.47
HO4 NAG F . -24.19 -26.97 6.77
HO6 NAG F . -23.61 -25.57 10.04
C1 NAG G . 10.13 -25.74 20.71
C2 NAG G . 11.49 -26.34 20.36
C3 NAG G . 11.33 -27.41 19.30
C4 NAG G . 10.46 -28.53 19.85
C5 NAG G . 9.10 -28.02 20.28
C6 NAG G . 8.63 -28.87 21.45
C7 NAG G . 13.23 -24.59 20.70
C8 NAG G . 14.15 -23.63 20.02
N2 NAG G . 12.45 -25.33 19.89
O3 NAG G . 12.59 -27.93 18.99
O4 NAG G . 10.33 -29.56 18.90
O5 NAG G . 9.03 -26.65 20.70
O6 NAG G . 7.59 -29.73 21.03
O7 NAG G . 13.22 -24.68 21.94
H2 NAG G . 11.85 -26.72 21.17
H3 NAG G . 10.90 -27.03 18.51
H4 NAG G . 10.92 -28.88 20.63
H5 NAG G . 8.53 -28.08 19.48
H61 NAG G . 8.32 -28.31 22.17
H62 NAG G . 9.36 -29.40 21.79
H81 NAG G . 14.67 -23.15 20.69
H82 NAG G . 13.63 -22.99 19.50
H83 NAG G . 14.75 -24.11 19.43
HN2 NAG G . 12.52 -25.20 19.04
HO3 NAG G . 12.50 -28.70 18.68
HO4 NAG G . 9.85 -30.18 19.21
HO6 NAG G . 7.34 -30.20 21.67
C1 NAG H . -9.64 17.59 12.17
C2 NAG H . -9.29 16.57 13.23
C3 NAG H . -9.92 16.90 14.59
C4 NAG H . -9.82 18.40 14.94
C5 NAG H . -9.48 19.39 13.79
C6 NAG H . -8.45 20.43 14.22
C7 NAG H . -9.11 14.21 12.81
C8 NAG H . -9.84 12.95 12.46
N2 NAG H . -9.85 15.29 12.87
O3 NAG H . -9.29 16.13 15.59
O4 NAG H . -11.06 18.80 15.54
O5 NAG H . -9.06 18.83 12.55
O6 NAG H . -7.28 19.84 14.81
O7 NAG H . -7.92 14.18 13.04
H2 NAG H . -8.32 16.55 13.30
H3 NAG H . -10.86 16.70 14.54
H4 NAG H . -9.06 18.47 15.53
H5 NAG H . -10.35 19.79 13.60
H61 NAG H . -8.85 21.04 14.87
H62 NAG H . -8.18 20.96 13.46
H81 NAG H . -9.21 12.21 12.44
H82 NAG H . -10.25 13.04 11.58
H83 NAG H . -10.52 12.77 13.12
HN2 NAG H . -10.69 15.24 12.70
HO3 NAG H . -9.62 16.31 16.34
HO4 NAG H . -11.03 19.62 15.73
HO6 NAG H . -7.35 19.88 15.66
ZN ZN I . -8.37 -1.12 3.00
ZN ZN J . -7.76 1.08 0.58
CA CA K . -2.83 -13.72 -12.16
CL CL L . -3.03 6.44 -2.23
OE1 3K0 M . -1.28 -5.58 0.01
CD 3K0 M . -2.45 -5.68 0.40
OE2 3K0 M . -3.10 -6.75 0.38
CG 3K0 M . -3.09 -4.42 1.01
CB 3K0 M . -4.61 -4.50 1.19
CA 3K0 M . -5.16 -3.33 2.05
C 3K0 M . -4.59 -3.55 3.50
OXT 3K0 M . -3.56 -2.92 3.87
O 3K0 M . -5.19 -4.41 4.18
N 3K0 M . -4.73 -2.01 1.50
SAN 3K0 M . -5.54 -0.69 2.13
OAD 3K0 M . -4.74 0.52 1.79
OAE 3K0 M . -5.69 -0.85 3.64
NAA 3K0 M . -6.97 -0.73 1.48
#